data_5IM8
#
_entry.id   5IM8
#
_entity_poly.entity_id   1
_entity_poly.type   'polypeptide(L)'
_entity_poly.pdbx_seq_one_letter_code
;LKENDHARFLQTAKNITERVSMATASSQVLIPEINLNDTFDTFALDFSREKKLLECLDYLHHHHHH
;
_entity_poly.pdbx_strand_id   A
#
# COMPACT_ATOMS: atom_id res chain seq x y z
N LEU A 1 2.65 20.41 6.49
CA LEU A 1 3.28 21.10 5.37
C LEU A 1 2.60 20.74 4.06
N LYS A 2 1.47 21.38 3.78
CA LYS A 2 0.73 21.12 2.55
C LYS A 2 1.19 22.05 1.43
N GLU A 3 1.97 21.49 0.51
CA GLU A 3 2.48 22.28 -0.62
C GLU A 3 1.99 21.71 -1.95
N ASN A 4 2.50 22.24 -3.05
CA ASN A 4 2.12 21.78 -4.37
C ASN A 4 3.12 20.76 -4.91
N ASP A 5 3.77 20.04 -4.00
CA ASP A 5 4.74 19.04 -4.37
C ASP A 5 4.68 17.84 -3.43
N HIS A 6 4.99 18.07 -2.16
CA HIS A 6 4.97 17.02 -1.15
C HIS A 6 3.56 16.43 -1.01
N ALA A 7 2.56 17.30 -1.02
CA ALA A 7 1.17 16.88 -0.90
C ALA A 7 0.82 15.85 -1.96
N ARG A 8 1.12 16.16 -3.22
CA ARG A 8 0.83 15.27 -4.33
C ARG A 8 1.53 13.93 -4.14
N PHE A 9 2.80 13.97 -3.74
CA PHE A 9 3.58 12.76 -3.52
C PHE A 9 2.93 11.88 -2.46
N LEU A 10 2.40 12.51 -1.42
CA LEU A 10 1.74 11.78 -0.34
C LEU A 10 0.45 11.13 -0.82
N GLN A 11 -0.36 11.90 -1.53
CA GLN A 11 -1.63 11.39 -2.06
C GLN A 11 -1.42 10.12 -2.87
N THR A 12 -0.23 9.99 -3.45
CA THR A 12 0.10 8.82 -4.26
C THR A 12 0.39 7.61 -3.38
N ALA A 13 1.37 7.75 -2.49
CA ALA A 13 1.73 6.67 -1.59
C ALA A 13 0.51 6.10 -0.87
N LYS A 14 -0.43 6.99 -0.53
CA LYS A 14 -1.65 6.58 0.16
C LYS A 14 -2.61 5.90 -0.81
N ASN A 15 -2.80 6.50 -1.97
CA ASN A 15 -3.71 5.96 -2.98
C ASN A 15 -3.28 4.55 -3.39
N ILE A 16 -2.00 4.24 -3.16
CA ILE A 16 -1.46 2.93 -3.51
C ILE A 16 -1.91 1.88 -2.52
N THR A 17 -1.64 2.13 -1.23
CA THR A 17 -2.03 1.20 -0.18
C THR A 17 -3.52 1.28 0.12
N GLU A 18 -4.15 2.34 -0.35
CA GLU A 18 -5.59 2.54 -0.15
C GLU A 18 -6.40 1.79 -1.19
N ARG A 19 -5.89 1.76 -2.43
CA ARG A 19 -6.57 1.08 -3.52
C ARG A 19 -6.51 -0.43 -3.34
N VAL A 20 -5.40 -0.91 -2.79
CA VAL A 20 -5.21 -2.33 -2.56
C VAL A 20 -6.12 -2.85 -1.46
N SER A 21 -6.19 -2.09 -0.37
CA SER A 21 -7.03 -2.46 0.77
C SER A 21 -8.48 -2.63 0.34
N MET A 22 -9.00 -1.64 -0.38
CA MET A 22 -10.38 -1.68 -0.85
C MET A 22 -10.63 -2.92 -1.71
N ALA A 23 -9.67 -3.24 -2.57
CA ALA A 23 -9.79 -4.39 -3.44
C ALA A 23 -9.80 -5.69 -2.64
N THR A 24 -8.73 -5.92 -1.88
CA THR A 24 -8.61 -7.11 -1.05
C THR A 24 -9.83 -7.28 -0.15
N ALA A 25 -10.29 -6.17 0.42
CA ALA A 25 -11.44 -6.18 1.31
C ALA A 25 -12.63 -6.88 0.65
N SER A 26 -12.91 -6.50 -0.58
CA SER A 26 -14.03 -7.07 -1.33
C SER A 26 -13.81 -8.56 -1.57
N SER A 27 -12.60 -8.91 -1.97
CA SER A 27 -12.25 -10.31 -2.25
C SER A 27 -12.39 -11.15 -0.99
N GLN A 28 -12.45 -10.49 0.16
CA GLN A 28 -12.58 -11.18 1.43
C GLN A 28 -11.32 -11.98 1.76
N VAL A 29 -10.17 -11.33 1.63
CA VAL A 29 -8.90 -11.98 1.90
C VAL A 29 -8.00 -11.09 2.76
N LEU A 30 -8.56 -10.55 3.84
CA LEU A 30 -7.81 -9.69 4.75
C LEU A 30 -8.01 -10.12 6.19
N ILE A 31 -8.41 -11.37 6.39
CA ILE A 31 -8.63 -11.91 7.72
C ILE A 31 -7.93 -13.25 7.90
N PRO A 32 -7.58 -13.57 9.15
CA PRO A 32 -6.90 -14.84 9.49
C PRO A 32 -7.82 -16.04 9.33
N GLU A 33 -7.22 -17.24 9.32
CA GLU A 33 -8.00 -18.47 9.18
C GLU A 33 -7.07 -19.68 9.22
N ILE A 34 -6.29 -19.87 8.16
CA ILE A 34 -5.37 -20.99 8.08
C ILE A 34 -4.08 -20.60 7.36
N ASN A 35 -4.24 -19.95 6.21
CA ASN A 35 -3.09 -19.51 5.43
C ASN A 35 -3.42 -18.27 4.61
N LEU A 36 -4.37 -17.49 5.11
CA LEU A 36 -4.79 -16.26 4.43
C LEU A 36 -3.97 -15.07 4.89
N ASN A 37 -3.66 -15.04 6.18
CA ASN A 37 -2.87 -13.95 6.76
C ASN A 37 -1.55 -13.78 6.00
N ASP A 38 -0.85 -14.88 5.78
CA ASP A 38 0.42 -14.84 5.08
C ASP A 38 0.25 -14.27 3.68
N THR A 39 -0.93 -14.47 3.11
CA THR A 39 -1.23 -13.98 1.76
C THR A 39 -1.47 -12.47 1.77
N PHE A 40 -2.38 -12.03 2.65
CA PHE A 40 -2.71 -10.62 2.75
C PHE A 40 -1.48 -9.80 3.11
N ASP A 41 -0.69 -10.30 4.07
CA ASP A 41 0.52 -9.62 4.50
C ASP A 41 1.47 -9.41 3.34
N THR A 42 1.94 -10.50 2.74
CA THR A 42 2.85 -10.44 1.62
C THR A 42 2.28 -9.57 0.49
N PHE A 43 0.96 -9.46 0.45
CA PHE A 43 0.30 -8.67 -0.57
C PHE A 43 0.52 -7.17 -0.33
N ALA A 44 0.02 -6.68 0.80
CA ALA A 44 0.16 -5.28 1.15
C ALA A 44 1.62 -4.87 1.19
N LEU A 45 2.45 -5.67 1.84
CA LEU A 45 3.88 -5.40 1.95
C LEU A 45 4.46 -4.99 0.60
N ASP A 46 4.37 -5.89 -0.38
CA ASP A 46 4.87 -5.61 -1.71
C ASP A 46 4.42 -4.25 -2.20
N PHE A 47 3.14 -3.95 -2.02
CA PHE A 47 2.57 -2.68 -2.45
C PHE A 47 3.33 -1.51 -1.81
N SER A 48 3.48 -1.57 -0.49
CA SER A 48 4.17 -0.52 0.24
C SER A 48 5.54 -0.24 -0.37
N ARG A 49 6.27 -1.31 -0.68
CA ARG A 49 7.60 -1.18 -1.26
C ARG A 49 7.58 -0.21 -2.45
N GLU A 50 6.55 -0.32 -3.28
CA GLU A 50 6.41 0.55 -4.44
C GLU A 50 6.10 1.98 -4.02
N LYS A 51 5.34 2.12 -2.94
CA LYS A 51 4.98 3.44 -2.43
C LYS A 51 6.21 4.23 -2.03
N LYS A 52 7.10 3.60 -1.26
CA LYS A 52 8.33 4.25 -0.81
C LYS A 52 9.16 4.72 -2.01
N LEU A 53 9.42 3.81 -2.93
CA LEU A 53 10.21 4.14 -4.12
C LEU A 53 9.65 5.37 -4.82
N LEU A 54 8.34 5.59 -4.68
CA LEU A 54 7.69 6.73 -5.30
C LEU A 54 7.82 7.97 -4.42
N GLU A 55 7.42 7.84 -3.16
CA GLU A 55 7.49 8.96 -2.22
C GLU A 55 8.93 9.43 -2.05
N CYS A 56 9.75 8.61 -1.41
CA CYS A 56 11.16 8.95 -1.18
C CYS A 56 12.07 8.10 -2.06
N LEU A 57 13.37 8.31 -1.92
CA LEU A 57 14.35 7.56 -2.70
C LEU A 57 14.86 6.35 -1.93
N ASP A 58 15.51 5.43 -2.64
CA ASP A 58 16.05 4.22 -2.03
C ASP A 58 17.35 3.80 -2.70
N TYR A 59 17.93 2.72 -2.23
CA TYR A 59 19.19 2.21 -2.79
C TYR A 59 18.92 1.05 -3.74
N LEU A 60 18.39 -0.05 -3.20
CA LEU A 60 18.10 -1.23 -4.00
C LEU A 60 16.75 -1.07 -4.72
N LEU A 1 -0.71 20.15 5.69
CA LEU A 1 0.07 19.79 4.52
C LEU A 1 -0.34 20.62 3.32
N LYS A 2 0.30 21.79 3.16
CA LYS A 2 0.00 22.68 2.05
C LYS A 2 1.24 22.90 1.19
N GLU A 3 1.30 22.21 0.06
CA GLU A 3 2.43 22.33 -0.85
C GLU A 3 2.07 21.87 -2.25
N ASN A 4 3.03 21.92 -3.16
CA ASN A 4 2.80 21.50 -4.54
C ASN A 4 3.89 20.52 -4.99
N ASP A 5 4.31 19.64 -4.09
CA ASP A 5 5.33 18.66 -4.40
C ASP A 5 5.21 17.44 -3.48
N HIS A 6 5.58 17.62 -2.22
CA HIS A 6 5.52 16.53 -1.25
C HIS A 6 4.08 16.07 -1.05
N ALA A 7 3.14 16.98 -1.27
CA ALA A 7 1.72 16.67 -1.11
C ALA A 7 1.26 15.66 -2.15
N ARG A 8 1.48 15.98 -3.42
CA ARG A 8 1.08 15.10 -4.51
C ARG A 8 1.75 13.73 -4.38
N PHE A 9 3.04 13.74 -4.05
CA PHE A 9 3.78 12.50 -3.89
C PHE A 9 3.16 11.61 -2.81
N LEU A 10 2.89 12.20 -1.65
CA LEU A 10 2.29 11.48 -0.54
C LEU A 10 0.95 10.88 -0.94
N GLN A 11 0.12 11.68 -1.60
CA GLN A 11 -1.20 11.23 -2.04
C GLN A 11 -1.08 9.95 -2.88
N THR A 12 0.05 9.81 -3.57
CA THR A 12 0.29 8.64 -4.41
C THR A 12 0.63 7.42 -3.56
N ALA A 13 1.69 7.54 -2.76
CA ALA A 13 2.13 6.44 -1.91
C ALA A 13 0.97 5.91 -1.06
N LYS A 14 0.09 6.81 -0.65
CA LYS A 14 -1.07 6.43 0.16
C LYS A 14 -2.15 5.79 -0.70
N ASN A 15 -2.44 6.42 -1.83
CA ASN A 15 -3.46 5.90 -2.74
C ASN A 15 -3.13 4.48 -3.19
N ILE A 16 -1.85 4.12 -3.11
CA ILE A 16 -1.40 2.80 -3.49
C ILE A 16 -1.75 1.76 -2.43
N THR A 17 -1.29 2.00 -1.21
CA THR A 17 -1.55 1.09 -0.09
C THR A 17 -3.01 1.17 0.34
N GLU A 18 -3.69 2.23 -0.08
CA GLU A 18 -5.09 2.42 0.27
C GLU A 18 -6.00 1.64 -0.69
N ARG A 19 -5.60 1.59 -1.95
CA ARG A 19 -6.38 0.89 -2.96
C ARG A 19 -6.24 -0.63 -2.80
N VAL A 20 -5.07 -1.07 -2.36
CA VAL A 20 -4.81 -2.49 -2.16
C VAL A 20 -5.55 -3.01 -0.93
N SER A 21 -5.63 -2.18 0.10
CA SER A 21 -6.31 -2.56 1.33
C SER A 21 -7.80 -2.77 1.09
N MET A 22 -8.45 -1.76 0.52
CA MET A 22 -9.88 -1.84 0.23
C MET A 22 -10.18 -3.03 -0.68
N ALA A 23 -9.35 -3.22 -1.68
CA ALA A 23 -9.52 -4.33 -2.62
C ALA A 23 -9.59 -5.66 -1.90
N THR A 24 -8.62 -5.91 -1.02
CA THR A 24 -8.56 -7.15 -0.26
C THR A 24 -9.57 -7.14 0.88
N ALA A 25 -10.06 -5.95 1.23
CA ALA A 25 -11.03 -5.80 2.31
C ALA A 25 -12.45 -5.98 1.80
N SER A 26 -12.62 -5.87 0.48
CA SER A 26 -13.93 -6.01 -0.14
C SER A 26 -14.01 -7.29 -0.95
N SER A 27 -12.89 -7.99 -1.05
CA SER A 27 -12.82 -9.24 -1.81
C SER A 27 -12.93 -10.45 -0.89
N GLN A 28 -12.04 -10.51 0.10
CA GLN A 28 -12.04 -11.61 1.06
C GLN A 28 -12.61 -11.17 2.39
N VAL A 29 -13.14 -9.95 2.44
CA VAL A 29 -13.73 -9.42 3.66
C VAL A 29 -12.66 -9.24 4.75
N LEU A 30 -11.40 -9.30 4.35
CA LEU A 30 -10.30 -9.16 5.28
C LEU A 30 -10.45 -10.10 6.47
N ILE A 31 -10.54 -11.39 6.19
CA ILE A 31 -10.70 -12.40 7.23
C ILE A 31 -9.84 -13.63 6.94
N PRO A 32 -9.46 -14.34 8.01
CA PRO A 32 -8.64 -15.55 7.90
C PRO A 32 -9.39 -16.71 7.26
N GLU A 33 -8.65 -17.72 6.79
CA GLU A 33 -9.25 -18.88 6.16
C GLU A 33 -8.32 -20.09 6.27
N ILE A 34 -7.03 -19.86 6.06
CA ILE A 34 -6.04 -20.93 6.12
C ILE A 34 -4.62 -20.36 6.15
N ASN A 35 -4.39 -19.32 5.37
CA ASN A 35 -3.09 -18.68 5.29
C ASN A 35 -3.20 -17.24 4.83
N LEU A 36 -4.39 -16.65 5.02
CA LEU A 36 -4.63 -15.27 4.63
C LEU A 36 -3.60 -14.34 5.27
N ASN A 37 -3.21 -14.64 6.50
CA ASN A 37 -2.24 -13.82 7.21
C ASN A 37 -0.98 -13.64 6.38
N ASP A 38 -0.47 -14.73 5.83
CA ASP A 38 0.74 -14.68 5.01
C ASP A 38 0.44 -14.05 3.64
N THR A 39 -0.80 -14.22 3.18
CA THR A 39 -1.20 -13.66 1.89
C THR A 39 -1.28 -12.14 1.95
N PHE A 40 -2.14 -11.63 2.82
CA PHE A 40 -2.31 -10.19 2.96
C PHE A 40 -0.96 -9.50 3.19
N ASP A 41 -0.13 -10.12 4.03
CA ASP A 41 1.18 -9.57 4.34
C ASP A 41 2.01 -9.39 3.06
N THR A 42 2.29 -10.51 2.39
CA THR A 42 3.07 -10.48 1.16
C THR A 42 2.41 -9.60 0.11
N PHE A 43 1.10 -9.41 0.25
CA PHE A 43 0.35 -8.58 -0.70
C PHE A 43 0.62 -7.10 -0.45
N ALA A 44 0.40 -6.66 0.79
CA ALA A 44 0.62 -5.27 1.16
C ALA A 44 2.10 -4.92 1.13
N LEU A 45 2.92 -5.77 1.73
CA LEU A 45 4.36 -5.55 1.78
C LEU A 45 4.89 -5.18 0.40
N ASP A 46 4.69 -6.05 -0.57
CA ASP A 46 5.15 -5.82 -1.93
C ASP A 46 4.72 -4.44 -2.41
N PHE A 47 3.44 -4.12 -2.23
CA PHE A 47 2.92 -2.83 -2.65
C PHE A 47 3.70 -1.69 -2.01
N SER A 48 3.83 -1.74 -0.68
CA SER A 48 4.53 -0.71 0.07
C SER A 48 5.92 -0.48 -0.53
N ARG A 49 6.63 -1.56 -0.82
CA ARG A 49 7.97 -1.48 -1.39
C ARG A 49 8.01 -0.48 -2.54
N GLU A 50 6.99 -0.52 -3.39
CA GLU A 50 6.90 0.38 -4.53
C GLU A 50 6.42 1.76 -4.10
N LYS A 51 5.59 1.79 -3.07
CA LYS A 51 5.06 3.05 -2.55
C LYS A 51 6.18 3.97 -2.09
N LYS A 52 7.28 3.38 -1.65
CA LYS A 52 8.44 4.15 -1.19
C LYS A 52 9.29 4.61 -2.36
N LEU A 53 9.69 3.67 -3.21
CA LEU A 53 10.52 3.98 -4.37
C LEU A 53 9.89 5.10 -5.19
N LEU A 54 8.56 5.21 -5.13
CA LEU A 54 7.85 6.24 -5.86
C LEU A 54 8.04 7.61 -5.22
N GLU A 55 7.63 7.72 -3.95
CA GLU A 55 7.76 8.97 -3.22
C GLU A 55 9.23 9.35 -3.05
N CYS A 56 9.97 8.51 -2.34
CA CYS A 56 11.39 8.77 -2.11
C CYS A 56 12.24 8.25 -3.27
N LEU A 57 13.55 8.27 -3.08
CA LEU A 57 14.47 7.81 -4.12
C LEU A 57 15.43 6.75 -3.57
N ASP A 58 16.21 7.13 -2.57
CA ASP A 58 17.16 6.21 -1.95
C ASP A 58 16.52 5.46 -0.80
N TYR A 59 17.01 4.25 -0.53
CA TYR A 59 16.48 3.43 0.55
C TYR A 59 17.38 2.22 0.80
N LEU A 60 18.68 2.39 0.55
CA LEU A 60 19.65 1.33 0.76
C LEU A 60 20.73 1.75 1.74
N LEU A 1 -5.23 19.36 2.66
CA LEU A 1 -5.30 20.67 2.00
C LEU A 1 -3.91 21.26 1.83
N LYS A 2 -3.08 20.59 1.03
CA LYS A 2 -1.71 21.06 0.79
C LYS A 2 -1.11 20.37 -0.44
N GLU A 3 -0.56 21.16 -1.35
CA GLU A 3 0.04 20.62 -2.55
C GLU A 3 1.25 21.45 -2.98
N ASN A 4 2.41 20.80 -3.09
CA ASN A 4 3.63 21.48 -3.49
C ASN A 4 4.66 20.48 -4.02
N ASP A 5 4.91 19.43 -3.25
CA ASP A 5 5.87 18.41 -3.65
C ASP A 5 5.74 17.17 -2.77
N HIS A 6 6.13 17.30 -1.51
CA HIS A 6 6.05 16.20 -0.56
C HIS A 6 4.60 15.74 -0.36
N ALA A 7 3.67 16.66 -0.58
CA ALA A 7 2.25 16.36 -0.44
C ALA A 7 1.79 15.36 -1.50
N ARG A 8 1.95 15.74 -2.77
CA ARG A 8 1.55 14.89 -3.87
C ARG A 8 2.24 13.54 -3.80
N PHE A 9 3.43 13.53 -3.21
CA PHE A 9 4.22 12.30 -3.08
C PHE A 9 3.64 11.40 -1.99
N LEU A 10 3.56 11.94 -0.77
CA LEU A 10 3.03 11.19 0.36
C LEU A 10 1.63 10.66 0.05
N GLN A 11 0.80 11.51 -0.54
CA GLN A 11 -0.57 11.12 -0.89
C GLN A 11 -0.57 9.87 -1.76
N THR A 12 0.26 9.88 -2.80
CA THR A 12 0.34 8.74 -3.71
C THR A 12 0.73 7.47 -2.97
N ALA A 13 1.81 7.55 -2.19
CA ALA A 13 2.28 6.40 -1.42
C ALA A 13 1.15 5.77 -0.62
N LYS A 14 0.37 6.62 0.05
CA LYS A 14 -0.75 6.15 0.86
C LYS A 14 -1.88 5.62 -0.02
N ASN A 15 -2.21 6.37 -1.06
CA ASN A 15 -3.27 5.97 -1.98
C ASN A 15 -3.01 4.58 -2.55
N ILE A 16 -1.73 4.20 -2.58
CA ILE A 16 -1.34 2.90 -3.11
C ILE A 16 -1.70 1.79 -2.13
N THR A 17 -1.25 1.93 -0.88
CA THR A 17 -1.52 0.92 0.14
C THR A 17 -2.98 0.99 0.58
N GLU A 18 -3.61 2.14 0.38
CA GLU A 18 -5.01 2.32 0.76
C GLU A 18 -5.94 1.68 -0.27
N ARG A 19 -5.55 1.78 -1.53
CA ARG A 19 -6.36 1.21 -2.62
C ARG A 19 -6.27 -0.31 -2.62
N VAL A 20 -5.05 -0.83 -2.48
CA VAL A 20 -4.83 -2.27 -2.46
C VAL A 20 -5.65 -2.94 -1.36
N SER A 21 -5.73 -2.28 -0.21
CA SER A 21 -6.48 -2.81 0.92
C SER A 21 -7.97 -2.86 0.62
N MET A 22 -8.51 -1.73 0.17
CA MET A 22 -9.93 -1.64 -0.17
C MET A 22 -10.31 -2.69 -1.20
N ALA A 23 -9.33 -3.15 -1.96
CA ALA A 23 -9.56 -4.16 -2.99
C ALA A 23 -9.52 -5.57 -2.39
N THR A 24 -8.73 -5.74 -1.34
CA THR A 24 -8.59 -7.04 -0.69
C THR A 24 -9.80 -7.31 0.22
N ALA A 25 -10.10 -6.35 1.08
CA ALA A 25 -11.23 -6.50 2.00
C ALA A 25 -12.55 -6.60 1.24
N SER A 26 -12.81 -5.61 0.41
CA SER A 26 -14.05 -5.58 -0.38
C SER A 26 -14.19 -6.86 -1.19
N SER A 27 -13.07 -7.41 -1.64
CA SER A 27 -13.07 -8.63 -2.45
C SER A 27 -13.67 -9.79 -1.65
N GLN A 28 -13.12 -10.02 -0.46
CA GLN A 28 -13.60 -11.11 0.39
C GLN A 28 -14.14 -10.57 1.71
N VAL A 29 -13.23 -10.16 2.59
CA VAL A 29 -13.61 -9.63 3.89
C VAL A 29 -12.39 -9.24 4.72
N LEU A 30 -11.29 -9.96 4.49
CA LEU A 30 -10.06 -9.69 5.21
C LEU A 30 -10.16 -10.13 6.66
N ILE A 31 -9.84 -11.40 6.92
CA ILE A 31 -9.89 -11.94 8.27
C ILE A 31 -8.91 -13.09 8.45
N PRO A 32 -8.48 -13.33 9.70
CA PRO A 32 -7.55 -14.41 10.02
C PRO A 32 -8.16 -15.79 9.86
N GLU A 33 -8.15 -16.30 8.62
CA GLU A 33 -8.71 -17.61 8.33
C GLU A 33 -7.66 -18.70 8.51
N ILE A 34 -6.74 -18.79 7.55
CA ILE A 34 -5.68 -19.79 7.59
C ILE A 34 -4.42 -19.28 6.89
N ASN A 35 -4.46 -19.22 5.57
CA ASN A 35 -3.33 -18.75 4.78
C ASN A 35 -3.60 -17.36 4.20
N LEU A 36 -4.83 -16.89 4.37
CA LEU A 36 -5.23 -15.58 3.86
C LEU A 36 -4.25 -14.50 4.31
N ASN A 37 -3.84 -14.58 5.58
CA ASN A 37 -2.91 -13.60 6.13
C ASN A 37 -1.60 -13.58 5.34
N ASP A 38 -1.05 -14.76 5.07
CA ASP A 38 0.19 -14.88 4.31
C ASP A 38 0.04 -14.24 2.94
N THR A 39 -1.01 -14.63 2.22
CA THR A 39 -1.25 -14.09 0.89
C THR A 39 -1.36 -12.58 0.92
N PHE A 40 -2.22 -12.06 1.78
CA PHE A 40 -2.42 -10.62 1.91
C PHE A 40 -1.12 -9.93 2.29
N ASP A 41 -0.38 -10.53 3.22
CA ASP A 41 0.88 -9.98 3.66
C ASP A 41 1.85 -9.79 2.50
N THR A 42 2.22 -10.89 1.86
CA THR A 42 3.13 -10.85 0.72
C THR A 42 2.64 -9.89 -0.35
N PHE A 43 1.33 -9.70 -0.41
CA PHE A 43 0.73 -8.81 -1.39
C PHE A 43 0.98 -7.35 -1.02
N ALA A 44 0.50 -6.94 0.15
CA ALA A 44 0.68 -5.57 0.62
C ALA A 44 2.16 -5.20 0.66
N LEU A 45 2.97 -6.08 1.22
CA LEU A 45 4.41 -5.84 1.32
C LEU A 45 4.97 -5.32 0.01
N ASP A 46 4.85 -6.14 -1.04
CA ASP A 46 5.34 -5.76 -2.36
C ASP A 46 4.91 -4.34 -2.72
N PHE A 47 3.63 -4.04 -2.50
CA PHE A 47 3.09 -2.73 -2.80
C PHE A 47 3.88 -1.63 -2.10
N SER A 48 4.08 -1.81 -0.79
CA SER A 48 4.81 -0.83 0.01
C SER A 48 6.17 -0.53 -0.63
N ARG A 49 6.88 -1.58 -1.04
CA ARG A 49 8.19 -1.42 -1.65
C ARG A 49 8.15 -0.34 -2.73
N GLU A 50 7.09 -0.34 -3.52
CA GLU A 50 6.94 0.65 -4.60
C GLU A 50 6.45 1.98 -4.04
N LYS A 51 5.68 1.92 -2.96
CA LYS A 51 5.15 3.13 -2.33
C LYS A 51 6.27 4.04 -1.86
N LYS A 52 7.41 3.43 -1.53
CA LYS A 52 8.56 4.20 -1.06
C LYS A 52 9.36 4.76 -2.23
N LEU A 53 9.74 3.87 -3.15
CA LEU A 53 10.50 4.29 -4.33
C LEU A 53 9.81 5.44 -5.06
N LEU A 54 8.50 5.51 -4.92
CA LEU A 54 7.71 6.56 -5.55
C LEU A 54 7.89 7.90 -4.83
N GLU A 55 7.56 7.90 -3.54
CA GLU A 55 7.68 9.11 -2.73
C GLU A 55 9.11 9.64 -2.76
N CYS A 56 10.05 8.80 -2.33
CA CYS A 56 11.46 9.18 -2.30
C CYS A 56 12.36 7.97 -2.53
N LEU A 57 13.07 7.98 -3.65
CA LEU A 57 13.97 6.88 -4.00
C LEU A 57 15.03 6.69 -2.92
N ASP A 58 15.12 5.47 -2.39
CA ASP A 58 16.09 5.15 -1.36
C ASP A 58 16.02 3.68 -0.98
N TYR A 59 17.17 3.01 -1.03
CA TYR A 59 17.24 1.59 -0.70
C TYR A 59 16.36 0.77 -1.63
N LEU A 60 16.84 0.54 -2.85
CA LEU A 60 16.10 -0.24 -3.84
C LEU A 60 16.46 -1.71 -3.75
N LEU A 1 -1.69 17.39 2.57
CA LEU A 1 -2.66 17.55 1.49
C LEU A 1 -2.45 18.87 0.75
N LYS A 2 -2.31 19.95 1.51
CA LYS A 2 -2.10 21.27 0.93
C LYS A 2 -0.61 21.60 0.87
N GLU A 3 0.02 21.26 -0.25
CA GLU A 3 1.44 21.52 -0.43
C GLU A 3 1.89 21.14 -1.84
N ASN A 4 3.20 21.25 -2.10
CA ASN A 4 3.74 20.93 -3.41
C ASN A 4 4.87 19.91 -3.28
N ASP A 5 5.01 19.06 -4.29
CA ASP A 5 6.05 18.03 -4.29
C ASP A 5 5.72 16.93 -3.30
N HIS A 6 5.79 17.26 -2.01
CA HIS A 6 5.51 16.29 -0.96
C HIS A 6 4.06 15.83 -1.02
N ALA A 7 3.19 16.67 -1.58
CA ALA A 7 1.78 16.35 -1.70
C ALA A 7 1.57 15.19 -2.68
N ARG A 8 2.24 15.25 -3.82
CA ARG A 8 2.12 14.20 -4.83
C ARG A 8 2.88 12.95 -4.40
N PHE A 9 3.86 13.12 -3.53
CA PHE A 9 4.67 12.01 -3.04
C PHE A 9 3.93 11.25 -1.94
N LEU A 10 3.40 11.98 -0.99
CA LEU A 10 2.67 11.38 0.12
C LEU A 10 1.33 10.81 -0.34
N GLN A 11 0.60 11.60 -1.12
CA GLN A 11 -0.70 11.19 -1.64
C GLN A 11 -0.58 9.87 -2.40
N THR A 12 0.40 9.79 -3.31
CA THR A 12 0.62 8.59 -4.10
C THR A 12 0.88 7.38 -3.21
N ALA A 13 1.80 7.53 -2.27
CA ALA A 13 2.13 6.44 -1.35
C ALA A 13 0.88 5.89 -0.68
N LYS A 14 0.00 6.78 -0.23
CA LYS A 14 -1.23 6.38 0.43
C LYS A 14 -2.20 5.76 -0.57
N ASN A 15 -2.36 6.42 -1.71
CA ASN A 15 -3.26 5.93 -2.76
C ASN A 15 -2.89 4.51 -3.18
N ILE A 16 -1.63 4.15 -2.97
CA ILE A 16 -1.16 2.82 -3.32
C ILE A 16 -1.68 1.76 -2.34
N THR A 17 -1.44 2.00 -1.05
CA THR A 17 -1.90 1.07 -0.03
C THR A 17 -3.40 1.18 0.20
N GLU A 18 -3.98 2.29 -0.27
CA GLU A 18 -5.41 2.52 -0.11
C GLU A 18 -6.19 1.81 -1.21
N ARG A 19 -5.57 1.65 -2.36
CA ARG A 19 -6.21 0.99 -3.50
C ARG A 19 -6.14 -0.53 -3.35
N VAL A 20 -5.06 -1.01 -2.76
CA VAL A 20 -4.88 -2.45 -2.55
C VAL A 20 -5.84 -2.98 -1.49
N SER A 21 -6.06 -2.19 -0.45
CA SER A 21 -6.95 -2.57 0.63
C SER A 21 -8.41 -2.55 0.17
N MET A 22 -8.74 -1.56 -0.65
CA MET A 22 -10.10 -1.43 -1.17
C MET A 22 -10.53 -2.69 -1.91
N ALA A 23 -9.62 -3.25 -2.71
CA ALA A 23 -9.90 -4.45 -3.47
C ALA A 23 -10.12 -5.65 -2.55
N THR A 24 -9.15 -5.89 -1.67
CA THR A 24 -9.23 -7.00 -0.72
C THR A 24 -10.53 -6.95 0.07
N ALA A 25 -10.92 -5.75 0.50
CA ALA A 25 -12.15 -5.57 1.26
C ALA A 25 -13.37 -5.91 0.43
N SER A 26 -13.37 -5.47 -0.83
CA SER A 26 -14.48 -5.73 -1.74
C SER A 26 -14.65 -7.22 -1.99
N SER A 27 -13.61 -7.99 -1.66
CA SER A 27 -13.64 -9.44 -1.86
C SER A 27 -13.96 -10.15 -0.55
N GLN A 28 -13.85 -9.44 0.56
CA GLN A 28 -14.13 -10.00 1.87
C GLN A 28 -13.15 -11.12 2.21
N VAL A 29 -11.87 -10.79 2.20
CA VAL A 29 -10.83 -11.76 2.50
C VAL A 29 -9.90 -11.26 3.59
N LEU A 30 -10.38 -10.32 4.39
CA LEU A 30 -9.60 -9.74 5.48
C LEU A 30 -9.94 -10.41 6.80
N ILE A 31 -9.93 -11.74 6.81
CA ILE A 31 -10.23 -12.50 8.02
C ILE A 31 -9.37 -13.75 8.12
N PRO A 32 -9.14 -14.22 9.36
CA PRO A 32 -8.32 -15.41 9.61
C PRO A 32 -9.01 -16.69 9.15
N GLU A 33 -8.24 -17.77 9.06
CA GLU A 33 -8.78 -19.06 8.63
C GLU A 33 -7.69 -20.13 8.64
N ILE A 34 -6.74 -20.02 7.71
CA ILE A 34 -5.66 -20.97 7.61
C ILE A 34 -4.38 -20.31 7.11
N ASN A 35 -4.38 -19.97 5.82
CA ASN A 35 -3.21 -19.32 5.21
C ASN A 35 -3.62 -18.01 4.55
N LEU A 36 -4.60 -17.33 5.14
CA LEU A 36 -5.08 -16.06 4.61
C LEU A 36 -4.23 -14.90 5.13
N ASN A 37 -3.92 -14.93 6.42
CA ASN A 37 -3.11 -13.89 7.04
C ASN A 37 -1.75 -13.78 6.36
N ASP A 38 -1.36 -14.84 5.66
CA ASP A 38 -0.08 -14.86 4.97
C ASP A 38 -0.19 -14.17 3.61
N THR A 39 -1.17 -14.60 2.80
CA THR A 39 -1.37 -14.02 1.48
C THR A 39 -1.60 -12.52 1.57
N PHE A 40 -2.47 -12.10 2.49
CA PHE A 40 -2.78 -10.69 2.66
C PHE A 40 -1.52 -9.91 3.06
N ASP A 41 -0.74 -10.48 3.97
CA ASP A 41 0.48 -9.83 4.42
C ASP A 41 1.44 -9.57 3.25
N THR A 42 1.85 -10.65 2.59
CA THR A 42 2.75 -10.53 1.45
C THR A 42 2.18 -9.63 0.38
N PHE A 43 0.86 -9.47 0.38
CA PHE A 43 0.17 -8.63 -0.60
C PHE A 43 0.38 -7.15 -0.27
N ALA A 44 0.02 -6.76 0.94
CA ALA A 44 0.16 -5.38 1.38
C ALA A 44 1.63 -5.00 1.53
N LEU A 45 2.39 -5.86 2.20
CA LEU A 45 3.82 -5.61 2.40
C LEU A 45 4.49 -5.19 1.12
N ASP A 46 4.45 -6.05 0.11
CA ASP A 46 5.06 -5.78 -1.18
C ASP A 46 4.67 -4.38 -1.67
N PHE A 47 3.37 -4.08 -1.60
CA PHE A 47 2.87 -2.78 -2.04
C PHE A 47 3.57 -1.65 -1.28
N SER A 48 3.55 -1.73 0.04
CA SER A 48 4.18 -0.71 0.88
C SER A 48 5.62 -0.46 0.45
N ARG A 49 6.36 -1.55 0.22
CA ARG A 49 7.75 -1.45 -0.20
C ARG A 49 7.91 -0.43 -1.31
N GLU A 50 6.99 -0.45 -2.27
CA GLU A 50 7.04 0.47 -3.40
C GLU A 50 6.51 1.85 -2.99
N LYS A 51 5.58 1.87 -2.04
CA LYS A 51 4.99 3.11 -1.56
C LYS A 51 6.06 4.03 -0.98
N LYS A 52 7.12 3.43 -0.45
CA LYS A 52 8.22 4.19 0.13
C LYS A 52 9.19 4.66 -0.94
N LEU A 53 9.69 3.72 -1.73
CA LEU A 53 10.63 4.03 -2.80
C LEU A 53 10.09 5.14 -3.69
N LEU A 54 8.77 5.24 -3.77
CA LEU A 54 8.12 6.27 -4.58
C LEU A 54 8.22 7.63 -3.92
N GLU A 55 7.68 7.74 -2.71
CA GLU A 55 7.71 8.99 -1.97
C GLU A 55 9.14 9.51 -1.82
N CYS A 56 10.05 8.61 -1.45
CA CYS A 56 11.45 8.97 -1.27
C CYS A 56 12.36 8.04 -2.06
N LEU A 57 12.99 8.58 -3.10
CA LEU A 57 13.88 7.79 -3.94
C LEU A 57 15.02 7.21 -3.12
N ASP A 58 15.51 6.05 -3.54
CA ASP A 58 16.62 5.39 -2.84
C ASP A 58 17.42 4.51 -3.80
N TYR A 59 18.74 4.67 -3.78
CA TYR A 59 19.61 3.90 -4.64
C TYR A 59 19.70 2.44 -4.18
N LEU A 60 19.46 1.52 -5.10
CA LEU A 60 19.51 0.09 -4.78
C LEU A 60 20.96 -0.35 -4.55
N LEU A 1 4.12 26.60 4.66
CA LEU A 1 4.39 25.28 4.10
C LEU A 1 3.26 24.82 3.19
N LYS A 2 3.34 25.20 1.92
CA LYS A 2 2.32 24.84 0.95
C LYS A 2 2.57 23.43 0.40
N GLU A 3 1.56 22.87 -0.24
CA GLU A 3 1.67 21.53 -0.81
C GLU A 3 2.24 21.58 -2.22
N ASN A 4 3.21 20.70 -2.49
CA ASN A 4 3.83 20.65 -3.81
C ASN A 4 4.23 19.22 -4.16
N ASP A 5 5.08 18.62 -3.34
CA ASP A 5 5.54 17.26 -3.56
C ASP A 5 5.18 16.36 -2.39
N HIS A 6 4.65 16.97 -1.33
CA HIS A 6 4.26 16.23 -0.13
C HIS A 6 2.88 15.63 -0.29
N ALA A 7 2.03 16.29 -1.08
CA ALA A 7 0.67 15.81 -1.32
C ALA A 7 0.67 14.60 -2.25
N ARG A 8 1.61 14.59 -3.20
CA ARG A 8 1.70 13.51 -4.16
C ARG A 8 2.47 12.33 -3.57
N PHE A 9 3.35 12.62 -2.61
CA PHE A 9 4.14 11.58 -1.96
C PHE A 9 3.29 10.80 -0.95
N LEU A 10 2.43 11.51 -0.24
CA LEU A 10 1.57 10.89 0.76
C LEU A 10 0.36 10.24 0.11
N GLN A 11 -0.29 10.97 -0.79
CA GLN A 11 -1.46 10.46 -1.49
C GLN A 11 -1.12 9.19 -2.27
N THR A 12 -0.04 9.24 -3.03
CA THR A 12 0.39 8.09 -3.83
C THR A 12 0.70 6.90 -2.93
N ALA A 13 1.59 7.10 -1.97
CA ALA A 13 1.97 6.04 -1.04
C ALA A 13 0.74 5.41 -0.38
N LYS A 14 -0.12 6.27 0.18
CA LYS A 14 -1.33 5.80 0.84
C LYS A 14 -2.24 5.07 -0.14
N ASN A 15 -2.42 5.66 -1.31
CA ASN A 15 -3.27 5.06 -2.34
C ASN A 15 -2.78 3.66 -2.71
N ILE A 16 -1.46 3.48 -2.69
CA ILE A 16 -0.86 2.20 -3.02
C ILE A 16 -1.34 1.11 -2.07
N THR A 17 -1.27 1.39 -0.77
CA THR A 17 -1.70 0.44 0.25
C THR A 17 -3.22 0.47 0.43
N GLU A 18 -3.84 1.56 0.00
CA GLU A 18 -5.28 1.72 0.12
C GLU A 18 -6.01 0.94 -0.98
N ARG A 19 -5.42 0.94 -2.17
CA ARG A 19 -6.02 0.22 -3.31
C ARG A 19 -5.92 -1.28 -3.11
N VAL A 20 -4.74 -1.75 -2.71
CA VAL A 20 -4.52 -3.18 -2.49
C VAL A 20 -5.53 -3.74 -1.50
N SER A 21 -5.74 -3.02 -0.40
CA SER A 21 -6.68 -3.44 0.64
C SER A 21 -8.08 -3.63 0.06
N MET A 22 -8.61 -2.57 -0.54
CA MET A 22 -9.94 -2.60 -1.13
C MET A 22 -10.02 -3.69 -2.20
N ALA A 23 -8.92 -3.91 -2.91
CA ALA A 23 -8.87 -4.93 -3.95
C ALA A 23 -8.95 -6.33 -3.36
N THR A 24 -7.99 -6.67 -2.51
CA THR A 24 -7.95 -7.98 -1.89
C THR A 24 -9.26 -8.28 -1.17
N ALA A 25 -9.78 -7.29 -0.45
CA ALA A 25 -11.03 -7.45 0.29
C ALA A 25 -12.20 -7.65 -0.67
N SER A 26 -12.41 -6.69 -1.57
CA SER A 26 -13.50 -6.76 -2.53
C SER A 26 -13.42 -8.04 -3.35
N SER A 27 -12.19 -8.54 -3.53
CA SER A 27 -11.97 -9.76 -4.30
C SER A 27 -12.68 -10.95 -3.66
N GLN A 28 -12.53 -11.07 -2.35
CA GLN A 28 -13.16 -12.17 -1.61
C GLN A 28 -14.03 -11.63 -0.48
N VAL A 29 -13.37 -11.20 0.61
CA VAL A 29 -14.09 -10.67 1.76
C VAL A 29 -13.11 -10.22 2.85
N LEU A 30 -11.98 -10.92 2.94
CA LEU A 30 -10.96 -10.60 3.93
C LEU A 30 -11.47 -10.92 5.34
N ILE A 31 -11.31 -12.17 5.75
CA ILE A 31 -11.74 -12.59 7.08
C ILE A 31 -10.76 -13.60 7.68
N PRO A 32 -10.72 -13.64 9.02
CA PRO A 32 -9.83 -14.57 9.75
C PRO A 32 -10.26 -16.02 9.61
N GLU A 33 -9.55 -16.77 8.78
CA GLU A 33 -9.85 -18.18 8.55
C GLU A 33 -8.80 -19.07 9.19
N ILE A 34 -7.62 -19.14 8.56
CA ILE A 34 -6.53 -19.96 9.06
C ILE A 34 -5.29 -19.83 8.18
N ASN A 35 -5.50 -19.73 6.88
CA ASN A 35 -4.41 -19.60 5.93
C ASN A 35 -4.62 -18.40 5.01
N LEU A 36 -5.18 -17.33 5.56
CA LEU A 36 -5.45 -16.12 4.80
C LEU A 36 -4.63 -14.94 5.34
N ASN A 37 -4.12 -15.09 6.55
CA ASN A 37 -3.32 -14.04 7.18
C ASN A 37 -1.94 -13.96 6.54
N ASP A 38 -1.28 -15.11 6.41
CA ASP A 38 0.04 -15.16 5.81
C ASP A 38 0.04 -14.57 4.41
N THR A 39 -0.88 -15.05 3.58
CA THR A 39 -1.00 -14.56 2.20
C THR A 39 -1.20 -13.05 2.16
N PHE A 40 -2.18 -12.58 2.93
CA PHE A 40 -2.48 -11.15 2.98
C PHE A 40 -1.26 -10.36 3.46
N ASP A 41 -0.60 -10.87 4.49
CA ASP A 41 0.58 -10.21 5.04
C ASP A 41 1.64 -10.02 3.97
N THR A 42 2.15 -11.14 3.43
CA THR A 42 3.17 -11.10 2.40
C THR A 42 2.74 -10.24 1.22
N PHE A 43 1.43 -10.11 1.03
CA PHE A 43 0.89 -9.32 -0.06
C PHE A 43 1.05 -7.82 0.22
N ALA A 44 0.46 -7.36 1.31
CA ALA A 44 0.55 -5.95 1.69
C ALA A 44 2.00 -5.51 1.82
N LEU A 45 2.81 -6.32 2.51
CA LEU A 45 4.21 -6.01 2.71
C LEU A 45 4.86 -5.56 1.41
N ASP A 46 4.84 -6.44 0.41
CA ASP A 46 5.43 -6.13 -0.89
C ASP A 46 4.95 -4.78 -1.39
N PHE A 47 3.65 -4.54 -1.30
CA PHE A 47 3.07 -3.28 -1.75
C PHE A 47 3.70 -2.10 -1.02
N SER A 48 3.72 -2.17 0.31
CA SER A 48 4.30 -1.11 1.13
C SER A 48 5.72 -0.78 0.67
N ARG A 49 6.52 -1.80 0.43
CA ARG A 49 7.89 -1.63 -0.02
C ARG A 49 7.96 -0.64 -1.18
N GLU A 50 7.03 -0.78 -2.12
CA GLU A 50 6.99 0.09 -3.29
C GLU A 50 6.59 1.51 -2.89
N LYS A 51 5.72 1.61 -1.89
CA LYS A 51 5.25 2.91 -1.41
C LYS A 51 6.41 3.74 -0.87
N LYS A 52 7.22 3.12 -0.02
CA LYS A 52 8.37 3.80 0.57
C LYS A 52 9.32 4.32 -0.51
N LEU A 53 9.66 3.46 -1.46
CA LEU A 53 10.55 3.84 -2.55
C LEU A 53 10.03 5.09 -3.26
N LEU A 54 8.71 5.28 -3.24
CA LEU A 54 8.09 6.43 -3.87
C LEU A 54 8.09 7.64 -2.94
N GLU A 55 8.18 7.37 -1.63
CA GLU A 55 8.18 8.43 -0.64
C GLU A 55 9.55 8.55 0.01
N CYS A 56 10.57 8.07 -0.67
CA CYS A 56 11.94 8.12 -0.16
C CYS A 56 12.95 8.23 -1.30
N LEU A 57 13.93 9.11 -1.14
CA LEU A 57 14.96 9.31 -2.15
C LEU A 57 14.33 9.64 -3.50
N ASP A 58 15.16 9.69 -4.54
CA ASP A 58 14.68 9.99 -5.88
C ASP A 58 15.54 9.29 -6.93
N TYR A 59 15.02 9.20 -8.15
CA TYR A 59 15.73 8.54 -9.24
C TYR A 59 15.99 7.08 -8.92
N LEU A 60 14.99 6.24 -9.16
CA LEU A 60 15.11 4.80 -8.90
C LEU A 60 15.46 4.05 -10.18
N LEU A 1 -2.57 22.13 1.76
CA LEU A 1 -2.05 21.08 0.90
C LEU A 1 -1.87 21.58 -0.53
N LYS A 2 -1.09 22.64 -0.68
CA LYS A 2 -0.84 23.22 -2.00
C LYS A 2 0.64 23.56 -2.18
N GLU A 3 1.19 23.22 -3.34
CA GLU A 3 2.59 23.50 -3.64
C GLU A 3 3.49 22.90 -2.55
N ASN A 4 3.76 21.60 -2.67
CA ASN A 4 4.61 20.92 -1.71
C ASN A 4 5.26 19.68 -2.33
N ASP A 5 6.31 19.19 -1.70
CA ASP A 5 7.02 18.01 -2.19
C ASP A 5 6.75 16.79 -1.30
N HIS A 6 7.09 16.92 -0.02
CA HIS A 6 6.88 15.84 0.93
C HIS A 6 5.43 15.41 0.96
N ALA A 7 4.53 16.35 0.65
CA ALA A 7 3.10 16.07 0.64
C ALA A 7 2.74 15.08 -0.48
N ARG A 8 3.05 15.46 -1.72
CA ARG A 8 2.76 14.62 -2.86
C ARG A 8 3.40 13.24 -2.70
N PHE A 9 4.66 13.21 -2.28
CA PHE A 9 5.38 11.96 -2.08
C PHE A 9 4.64 11.06 -1.11
N LEU A 10 4.07 11.65 -0.07
CA LEU A 10 3.34 10.89 0.94
C LEU A 10 2.01 10.38 0.37
N GLN A 11 1.28 11.26 -0.30
CA GLN A 11 0.00 10.90 -0.89
C GLN A 11 0.14 9.67 -1.78
N THR A 12 1.33 9.49 -2.35
CA THR A 12 1.60 8.37 -3.24
C THR A 12 1.79 7.08 -2.44
N ALA A 13 2.76 7.09 -1.53
CA ALA A 13 3.04 5.93 -0.70
C ALA A 13 1.78 5.44 0.00
N LYS A 14 0.93 6.37 0.40
CA LYS A 14 -0.31 6.04 1.09
C LYS A 14 -1.36 5.56 0.10
N ASN A 15 -1.34 6.13 -1.09
CA ASN A 15 -2.30 5.76 -2.13
C ASN A 15 -2.01 4.35 -2.66
N ILE A 16 -0.80 3.88 -2.42
CA ILE A 16 -0.39 2.56 -2.88
C ILE A 16 -0.89 1.47 -1.92
N THR A 17 -0.66 1.68 -0.63
CA THR A 17 -1.08 0.72 0.38
C THR A 17 -2.58 0.84 0.65
N GLU A 18 -3.16 1.98 0.28
CA GLU A 18 -4.59 2.22 0.47
C GLU A 18 -5.41 1.57 -0.63
N ARG A 19 -4.84 1.52 -1.83
CA ARG A 19 -5.53 0.93 -2.97
C ARG A 19 -5.50 -0.59 -2.90
N VAL A 20 -4.41 -1.13 -2.36
CA VAL A 20 -4.26 -2.57 -2.22
C VAL A 20 -5.19 -3.13 -1.15
N SER A 21 -5.37 -2.36 -0.07
CA SER A 21 -6.23 -2.77 1.03
C SER A 21 -7.68 -2.84 0.58
N MET A 22 -8.19 -1.73 0.08
CA MET A 22 -9.58 -1.65 -0.39
C MET A 22 -9.84 -2.69 -1.48
N ALA A 23 -8.79 -3.00 -2.23
CA ALA A 23 -8.91 -3.98 -3.31
C ALA A 23 -9.12 -5.39 -2.77
N THR A 24 -8.16 -5.88 -2.01
CA THR A 24 -8.24 -7.21 -1.43
C THR A 24 -9.53 -7.39 -0.64
N ALA A 25 -9.90 -6.34 0.11
CA ALA A 25 -11.12 -6.38 0.91
C ALA A 25 -12.34 -6.65 0.04
N SER A 26 -12.34 -6.11 -1.18
CA SER A 26 -13.44 -6.29 -2.11
C SER A 26 -13.13 -7.38 -3.13
N SER A 27 -12.00 -8.05 -2.94
CA SER A 27 -11.58 -9.12 -3.83
C SER A 27 -11.93 -10.49 -3.25
N GLN A 28 -11.82 -10.60 -1.93
CA GLN A 28 -12.12 -11.86 -1.26
C GLN A 28 -13.05 -11.63 -0.07
N VAL A 29 -12.48 -11.19 1.05
CA VAL A 29 -13.27 -10.94 2.25
C VAL A 29 -12.42 -10.22 3.31
N LEU A 30 -11.16 -10.60 3.40
CA LEU A 30 -10.25 -9.99 4.37
C LEU A 30 -10.68 -10.30 5.80
N ILE A 31 -10.47 -11.54 6.23
CA ILE A 31 -10.84 -11.96 7.57
C ILE A 31 -9.97 -13.11 8.05
N PRO A 32 -9.84 -13.26 9.37
CA PRO A 32 -9.04 -14.32 9.99
C PRO A 32 -9.66 -15.70 9.80
N GLU A 33 -9.45 -16.29 8.62
CA GLU A 33 -9.98 -17.60 8.31
C GLU A 33 -9.00 -18.70 8.72
N ILE A 34 -7.94 -18.86 7.94
CA ILE A 34 -6.93 -19.87 8.23
C ILE A 34 -5.79 -19.80 7.22
N ASN A 35 -6.12 -19.53 5.96
CA ASN A 35 -5.13 -19.44 4.90
C ASN A 35 -5.24 -18.11 4.16
N LEU A 36 -5.61 -17.06 4.89
CA LEU A 36 -5.76 -15.74 4.30
C LEU A 36 -4.75 -14.76 4.90
N ASN A 37 -4.17 -15.13 6.03
CA ASN A 37 -3.20 -14.28 6.70
C ASN A 37 -1.89 -14.25 5.94
N ASP A 38 -1.25 -15.42 5.82
CA ASP A 38 0.02 -15.52 5.11
C ASP A 38 -0.10 -14.94 3.70
N THR A 39 -1.30 -15.00 3.13
CA THR A 39 -1.54 -14.48 1.80
C THR A 39 -1.62 -12.95 1.81
N PHE A 40 -2.52 -12.42 2.63
CA PHE A 40 -2.70 -10.98 2.73
C PHE A 40 -1.39 -10.30 3.16
N ASP A 41 -0.70 -10.92 4.11
CA ASP A 41 0.56 -10.38 4.61
C ASP A 41 1.57 -10.20 3.47
N THR A 42 1.93 -11.31 2.83
CA THR A 42 2.88 -11.28 1.73
C THR A 42 2.43 -10.30 0.65
N PHE A 43 1.13 -10.06 0.58
CA PHE A 43 0.57 -9.14 -0.41
C PHE A 43 0.91 -7.70 -0.07
N ALA A 44 0.41 -7.24 1.07
CA ALA A 44 0.67 -5.87 1.52
C ALA A 44 2.16 -5.59 1.64
N LEU A 45 2.87 -6.51 2.27
CA LEU A 45 4.31 -6.37 2.46
C LEU A 45 4.99 -5.93 1.16
N ASP A 46 4.88 -6.76 0.13
CA ASP A 46 5.48 -6.46 -1.17
C ASP A 46 5.14 -5.04 -1.59
N PHE A 47 3.88 -4.67 -1.49
CA PHE A 47 3.42 -3.34 -1.88
C PHE A 47 4.18 -2.27 -1.09
N SER A 48 4.17 -2.40 0.23
CA SER A 48 4.85 -1.44 1.10
C SER A 48 6.30 -1.25 0.66
N ARG A 49 6.97 -2.36 0.39
CA ARG A 49 8.37 -2.32 -0.04
C ARG A 49 8.59 -1.27 -1.12
N GLU A 50 7.65 -1.19 -2.06
CA GLU A 50 7.74 -0.23 -3.15
C GLU A 50 7.27 1.16 -2.68
N LYS A 51 6.33 1.17 -1.74
CA LYS A 51 5.80 2.42 -1.21
C LYS A 51 6.90 3.25 -0.56
N LYS A 52 7.92 2.57 -0.05
CA LYS A 52 9.03 3.24 0.60
C LYS A 52 10.05 3.73 -0.43
N LEU A 53 10.50 2.82 -1.28
CA LEU A 53 11.47 3.16 -2.32
C LEU A 53 11.00 4.37 -3.13
N LEU A 54 9.69 4.54 -3.22
CA LEU A 54 9.11 5.66 -3.96
C LEU A 54 9.28 6.97 -3.20
N GLU A 55 8.75 7.01 -1.97
CA GLU A 55 8.84 8.21 -1.14
C GLU A 55 10.29 8.66 -1.00
N CYS A 56 11.08 7.85 -0.30
CA CYS A 56 12.49 8.17 -0.09
C CYS A 56 13.20 8.42 -1.42
N LEU A 57 14.29 9.17 -1.38
CA LEU A 57 15.06 9.49 -2.57
C LEU A 57 14.19 10.19 -3.61
N ASP A 58 14.76 10.45 -4.77
CA ASP A 58 14.04 11.12 -5.85
C ASP A 58 13.00 10.18 -6.46
N TYR A 59 13.46 9.03 -6.93
CA TYR A 59 12.57 8.05 -7.54
C TYR A 59 13.13 6.64 -7.41
N LEU A 60 14.29 6.41 -8.03
CA LEU A 60 14.93 5.10 -7.99
C LEU A 60 16.43 5.22 -8.27
N LEU A 1 7.34 24.53 -1.21
CA LEU A 1 6.47 23.45 -1.66
C LEU A 1 5.95 22.65 -0.47
N LYS A 2 5.68 23.34 0.63
CA LYS A 2 5.17 22.70 1.83
C LYS A 2 3.91 21.91 1.53
N GLU A 3 3.08 22.44 0.63
CA GLU A 3 1.83 21.79 0.26
C GLU A 3 1.81 21.49 -1.24
N ASN A 4 0.73 20.88 -1.71
CA ASN A 4 0.58 20.54 -3.11
C ASN A 4 1.54 19.42 -3.50
N ASP A 5 2.82 19.77 -3.65
CA ASP A 5 3.84 18.80 -4.02
C ASP A 5 3.81 17.60 -3.08
N HIS A 6 3.71 17.87 -1.79
CA HIS A 6 3.67 16.81 -0.78
C HIS A 6 2.28 16.19 -0.69
N ALA A 7 1.27 16.99 -1.03
CA ALA A 7 -0.12 16.52 -0.98
C ALA A 7 -0.37 15.45 -2.04
N ARG A 8 0.30 15.58 -3.18
CA ARG A 8 0.16 14.63 -4.27
C ARG A 8 1.01 13.39 -4.03
N PHE A 9 2.16 13.58 -3.39
CA PHE A 9 3.06 12.47 -3.10
C PHE A 9 2.49 11.57 -2.01
N LEU A 10 1.88 12.19 -1.00
CA LEU A 10 1.29 11.44 0.10
C LEU A 10 -0.01 10.77 -0.32
N GLN A 11 -0.84 11.51 -1.05
CA GLN A 11 -2.11 10.99 -1.52
C GLN A 11 -1.92 9.74 -2.37
N THR A 12 -0.77 9.66 -3.04
CA THR A 12 -0.45 8.53 -3.89
C THR A 12 -0.05 7.32 -3.06
N ALA A 13 0.94 7.50 -2.20
CA ALA A 13 1.41 6.40 -1.34
C ALA A 13 0.25 5.75 -0.60
N LYS A 14 -0.64 6.58 -0.05
CA LYS A 14 -1.79 6.08 0.69
C LYS A 14 -2.80 5.43 -0.26
N ASN A 15 -3.09 6.11 -1.36
CA ASN A 15 -4.03 5.60 -2.35
C ASN A 15 -3.63 4.22 -2.83
N ILE A 16 -2.34 3.93 -2.74
CA ILE A 16 -1.81 2.64 -3.17
C ILE A 16 -2.18 1.53 -2.19
N THR A 17 -1.86 1.75 -0.92
CA THR A 17 -2.16 0.77 0.12
C THR A 17 -3.65 0.75 0.44
N GLU A 18 -4.33 1.85 0.14
CA GLU A 18 -5.76 1.97 0.39
C GLU A 18 -6.57 1.20 -0.66
N ARG A 19 -6.10 1.24 -1.90
CA ARG A 19 -6.77 0.55 -2.99
C ARG A 19 -6.58 -0.96 -2.89
N VAL A 20 -5.35 -1.39 -2.62
CA VAL A 20 -5.04 -2.80 -2.48
C VAL A 20 -5.89 -3.44 -1.38
N SER A 21 -6.13 -2.69 -0.32
CA SER A 21 -6.92 -3.18 0.81
C SER A 21 -8.37 -3.43 0.39
N MET A 22 -9.03 -2.38 -0.07
CA MET A 22 -10.42 -2.48 -0.51
C MET A 22 -10.57 -3.52 -1.62
N ALA A 23 -9.49 -3.72 -2.39
CA ALA A 23 -9.51 -4.68 -3.48
C ALA A 23 -9.55 -6.10 -2.95
N THR A 24 -8.54 -6.49 -2.18
CA THR A 24 -8.47 -7.83 -1.62
C THR A 24 -9.74 -8.17 -0.84
N ALA A 25 -10.40 -7.14 -0.33
CA ALA A 25 -11.63 -7.32 0.42
C ALA A 25 -12.84 -7.44 -0.50
N SER A 26 -13.02 -6.47 -1.38
CA SER A 26 -14.12 -6.47 -2.31
C SER A 26 -14.02 -7.63 -3.29
N SER A 27 -12.84 -8.25 -3.33
CA SER A 27 -12.61 -9.37 -4.22
C SER A 27 -12.75 -10.70 -3.48
N GLN A 28 -12.35 -10.71 -2.21
CA GLN A 28 -12.44 -11.91 -1.39
C GLN A 28 -13.26 -11.65 -0.13
N VAL A 29 -12.64 -11.01 0.85
CA VAL A 29 -13.31 -10.70 2.10
C VAL A 29 -12.38 -9.96 3.06
N LEU A 30 -11.10 -10.29 3.00
CA LEU A 30 -10.11 -9.65 3.86
C LEU A 30 -10.34 -10.02 5.32
N ILE A 31 -10.07 -11.27 5.67
CA ILE A 31 -10.26 -11.74 7.04
C ILE A 31 -9.29 -12.87 7.36
N PRO A 32 -8.95 -13.01 8.65
CA PRO A 32 -8.02 -14.05 9.12
C PRO A 32 -8.64 -15.45 9.03
N GLU A 33 -7.84 -16.40 8.55
CA GLU A 33 -8.30 -17.77 8.40
C GLU A 33 -7.19 -18.75 8.75
N ILE A 34 -6.23 -18.90 7.84
CA ILE A 34 -5.10 -19.81 8.05
C ILE A 34 -4.12 -19.74 6.89
N ASN A 35 -4.65 -19.63 5.68
CA ASN A 35 -3.82 -19.56 4.48
C ASN A 35 -4.04 -18.24 3.74
N LEU A 36 -4.45 -17.22 4.48
CA LEU A 36 -4.70 -15.91 3.90
C LEU A 36 -3.74 -14.87 4.46
N ASN A 37 -3.09 -15.20 5.57
CA ASN A 37 -2.15 -14.30 6.21
C ASN A 37 -0.89 -14.15 5.37
N ASP A 38 -0.17 -15.25 5.17
CA ASP A 38 1.04 -15.24 4.38
C ASP A 38 0.80 -14.66 3.00
N THR A 39 -0.43 -14.80 2.51
CA THR A 39 -0.80 -14.28 1.20
C THR A 39 -1.08 -12.78 1.25
N PHE A 40 -1.98 -12.38 2.13
CA PHE A 40 -2.33 -10.98 2.29
C PHE A 40 -1.10 -10.15 2.66
N ASP A 41 -0.27 -10.69 3.54
CA ASP A 41 0.94 -10.00 3.97
C ASP A 41 1.83 -9.67 2.79
N THR A 42 2.27 -10.70 2.08
CA THR A 42 3.13 -10.53 0.92
C THR A 42 2.49 -9.62 -0.11
N PHE A 43 1.17 -9.51 -0.07
CA PHE A 43 0.42 -8.68 -1.01
C PHE A 43 0.56 -7.21 -0.63
N ALA A 44 0.22 -6.88 0.61
CA ALA A 44 0.31 -5.50 1.09
C ALA A 44 1.76 -5.05 1.21
N LEU A 45 2.59 -5.89 1.82
CA LEU A 45 4.01 -5.58 1.98
C LEU A 45 4.61 -5.08 0.68
N ASP A 46 4.59 -5.93 -0.34
CA ASP A 46 5.13 -5.57 -1.65
C ASP A 46 4.64 -4.19 -2.09
N PHE A 47 3.34 -3.96 -1.96
CA PHE A 47 2.74 -2.69 -2.34
C PHE A 47 3.39 -1.54 -1.58
N SER A 48 3.46 -1.67 -0.26
CA SER A 48 4.05 -0.63 0.59
C SER A 48 5.45 -0.28 0.10
N ARG A 49 6.25 -1.30 -0.18
CA ARG A 49 7.61 -1.09 -0.64
C ARG A 49 7.66 -0.05 -1.76
N GLU A 50 6.69 -0.13 -2.66
CA GLU A 50 6.63 0.80 -3.79
C GLU A 50 6.02 2.14 -3.35
N LYS A 51 5.14 2.08 -2.34
CA LYS A 51 4.50 3.28 -1.83
C LYS A 51 5.53 4.26 -1.29
N LYS A 52 6.66 3.73 -0.81
CA LYS A 52 7.72 4.56 -0.26
C LYS A 52 8.61 5.11 -1.38
N LEU A 53 9.14 4.21 -2.20
CA LEU A 53 10.00 4.60 -3.30
C LEU A 53 9.35 5.68 -4.16
N LEU A 54 8.01 5.69 -4.18
CA LEU A 54 7.27 6.68 -4.94
C LEU A 54 7.32 8.05 -4.27
N GLU A 55 6.84 8.11 -3.03
CA GLU A 55 6.83 9.36 -2.28
C GLU A 55 8.26 9.90 -2.10
N CYS A 56 9.09 9.10 -1.43
CA CYS A 56 10.47 9.50 -1.18
C CYS A 56 11.42 8.32 -1.43
N LEU A 57 12.07 8.33 -2.59
CA LEU A 57 13.01 7.28 -2.95
C LEU A 57 14.03 7.06 -1.85
N ASP A 58 14.54 5.83 -1.74
CA ASP A 58 15.53 5.50 -0.72
C ASP A 58 16.06 4.08 -0.94
N TYR A 59 16.92 3.91 -1.94
CA TYR A 59 17.50 2.61 -2.25
C TYR A 59 18.97 2.56 -1.85
N LEU A 60 19.64 1.48 -2.23
CA LEU A 60 21.05 1.30 -1.91
C LEU A 60 21.89 2.39 -2.57
N LEU A 1 -5.43 18.86 3.89
CA LEU A 1 -5.38 18.93 2.44
C LEU A 1 -4.19 19.76 1.97
N LYS A 2 -3.55 19.31 0.90
CA LYS A 2 -2.40 20.03 0.34
C LYS A 2 -2.22 19.69 -1.13
N GLU A 3 -1.48 20.54 -1.84
CA GLU A 3 -1.23 20.35 -3.26
C GLU A 3 0.22 20.67 -3.60
N ASN A 4 1.11 20.49 -2.64
CA ASN A 4 2.54 20.77 -2.84
C ASN A 4 3.26 19.53 -3.37
N ASP A 5 4.52 19.70 -3.72
CA ASP A 5 5.33 18.60 -4.24
C ASP A 5 5.29 17.40 -3.29
N HIS A 6 5.75 17.62 -2.05
CA HIS A 6 5.78 16.56 -1.06
C HIS A 6 4.38 16.01 -0.83
N ALA A 7 3.36 16.82 -1.12
CA ALA A 7 1.97 16.40 -0.95
C ALA A 7 1.58 15.34 -1.98
N ARG A 8 1.64 15.71 -3.25
CA ARG A 8 1.29 14.79 -4.32
C ARG A 8 2.08 13.49 -4.21
N PHE A 9 3.30 13.59 -3.67
CA PHE A 9 4.15 12.42 -3.50
C PHE A 9 3.64 11.52 -2.39
N LEU A 10 3.53 12.09 -1.18
CA LEU A 10 3.05 11.33 -0.03
C LEU A 10 1.65 10.77 -0.29
N GLN A 11 0.79 11.60 -0.86
CA GLN A 11 -0.57 11.18 -1.17
C GLN A 11 -0.59 9.93 -2.03
N THR A 12 0.20 9.95 -3.10
CA THR A 12 0.28 8.82 -4.02
C THR A 12 0.74 7.56 -3.30
N ALA A 13 1.87 7.67 -2.60
CA ALA A 13 2.41 6.54 -1.86
C ALA A 13 1.35 5.90 -0.96
N LYS A 14 0.73 6.72 -0.11
CA LYS A 14 -0.30 6.24 0.79
C LYS A 14 -1.49 5.68 0.02
N ASN A 15 -1.92 6.42 -1.00
CA ASN A 15 -3.06 6.00 -1.81
C ASN A 15 -2.83 4.59 -2.37
N ILE A 16 -1.57 4.24 -2.58
CA ILE A 16 -1.23 2.91 -3.11
C ILE A 16 -1.55 1.83 -2.08
N THR A 17 -1.10 2.03 -0.85
CA THR A 17 -1.33 1.07 0.21
C THR A 17 -2.76 1.16 0.73
N GLU A 18 -3.38 2.32 0.56
CA GLU A 18 -4.75 2.54 1.01
C GLU A 18 -5.75 1.94 0.02
N ARG A 19 -5.45 2.08 -1.27
CA ARG A 19 -6.33 1.57 -2.31
C ARG A 19 -6.30 0.03 -2.32
N VAL A 20 -5.10 -0.53 -2.26
CA VAL A 20 -4.94 -1.98 -2.26
C VAL A 20 -5.75 -2.64 -1.14
N SER A 21 -5.67 -2.06 0.06
CA SER A 21 -6.40 -2.58 1.21
C SER A 21 -7.90 -2.63 0.92
N MET A 22 -8.43 -1.52 0.42
CA MET A 22 -9.85 -1.44 0.11
C MET A 22 -10.27 -2.54 -0.86
N ALA A 23 -9.42 -2.79 -1.85
CA ALA A 23 -9.69 -3.82 -2.85
C ALA A 23 -9.76 -5.20 -2.20
N THR A 24 -8.67 -5.61 -1.57
CA THR A 24 -8.61 -6.91 -0.91
C THR A 24 -9.74 -7.08 0.09
N ALA A 25 -10.23 -5.96 0.62
CA ALA A 25 -11.31 -5.98 1.59
C ALA A 25 -12.66 -6.15 0.89
N SER A 26 -12.74 -5.67 -0.35
CA SER A 26 -13.97 -5.76 -1.12
C SER A 26 -13.90 -6.90 -2.13
N SER A 27 -12.83 -7.69 -2.06
CA SER A 27 -12.64 -8.81 -2.96
C SER A 27 -12.93 -10.13 -2.26
N GLN A 28 -12.60 -10.20 -0.98
CA GLN A 28 -12.83 -11.41 -0.19
C GLN A 28 -13.54 -11.09 1.11
N VAL A 29 -12.80 -10.54 2.07
CA VAL A 29 -13.36 -10.18 3.37
C VAL A 29 -12.30 -9.55 4.27
N LEU A 30 -11.06 -9.99 4.11
CA LEU A 30 -9.95 -9.47 4.91
C LEU A 30 -10.12 -9.84 6.39
N ILE A 31 -9.99 -11.12 6.68
CA ILE A 31 -10.11 -11.61 8.05
C ILE A 31 -9.28 -12.86 8.27
N PRO A 32 -8.87 -13.09 9.52
CA PRO A 32 -8.06 -14.25 9.90
C PRO A 32 -8.84 -15.55 9.82
N GLU A 33 -8.54 -16.36 8.81
CA GLU A 33 -9.22 -17.63 8.62
C GLU A 33 -8.24 -18.81 8.75
N ILE A 34 -7.43 -19.00 7.72
CA ILE A 34 -6.45 -20.07 7.70
C ILE A 34 -5.19 -19.66 6.96
N ASN A 35 -5.33 -19.39 5.67
CA ASN A 35 -4.19 -18.97 4.84
C ASN A 35 -4.51 -17.69 4.10
N LEU A 36 -5.06 -16.72 4.82
CA LEU A 36 -5.40 -15.43 4.22
C LEU A 36 -4.50 -14.32 4.75
N ASN A 37 -3.83 -14.60 5.87
CA ASN A 37 -2.93 -13.63 6.47
C ASN A 37 -1.58 -13.61 5.76
N ASP A 38 -1.28 -14.69 5.04
CA ASP A 38 -0.02 -14.80 4.31
C ASP A 38 -0.12 -14.09 2.97
N THR A 39 -1.15 -14.43 2.20
CA THR A 39 -1.35 -13.83 0.88
C THR A 39 -1.45 -12.31 0.99
N PHE A 40 -2.27 -11.82 1.90
CA PHE A 40 -2.45 -10.39 2.09
C PHE A 40 -1.13 -9.73 2.47
N ASP A 41 -0.38 -10.37 3.35
CA ASP A 41 0.91 -9.84 3.79
C ASP A 41 1.84 -9.63 2.61
N THR A 42 2.16 -10.72 1.91
CA THR A 42 3.05 -10.66 0.76
C THR A 42 2.51 -9.70 -0.30
N PHE A 43 1.19 -9.51 -0.31
CA PHE A 43 0.55 -8.62 -1.27
C PHE A 43 0.81 -7.16 -0.92
N ALA A 44 0.37 -6.75 0.27
CA ALA A 44 0.56 -5.38 0.73
C ALA A 44 2.04 -5.00 0.73
N LEU A 45 2.87 -5.88 1.28
CA LEU A 45 4.30 -5.65 1.35
C LEU A 45 4.84 -5.14 0.01
N ASP A 46 4.66 -5.95 -1.03
CA ASP A 46 5.13 -5.58 -2.37
C ASP A 46 4.67 -4.17 -2.72
N PHE A 47 3.38 -3.90 -2.53
CA PHE A 47 2.82 -2.59 -2.84
C PHE A 47 3.55 -1.49 -2.07
N SER A 48 3.56 -1.62 -0.75
CA SER A 48 4.22 -0.63 0.10
C SER A 48 5.65 -0.38 -0.35
N ARG A 49 6.36 -1.46 -0.67
CA ARG A 49 7.74 -1.36 -1.13
C ARG A 49 7.88 -0.28 -2.19
N GLU A 50 6.96 -0.28 -3.15
CA GLU A 50 7.00 0.70 -4.23
C GLU A 50 6.61 2.08 -3.72
N LYS A 51 5.68 2.12 -2.76
CA LYS A 51 5.22 3.37 -2.18
C LYS A 51 6.36 4.11 -1.50
N LYS A 52 7.10 3.39 -0.67
CA LYS A 52 8.24 3.97 0.05
C LYS A 52 9.24 4.58 -0.91
N LEU A 53 9.70 3.78 -1.87
CA LEU A 53 10.67 4.24 -2.86
C LEU A 53 10.18 5.51 -3.54
N LEU A 54 8.87 5.68 -3.60
CA LEU A 54 8.26 6.85 -4.23
C LEU A 54 8.50 8.10 -3.37
N GLU A 55 8.00 8.07 -2.14
CA GLU A 55 8.15 9.20 -1.23
C GLU A 55 9.62 9.44 -0.90
N CYS A 56 10.30 8.40 -0.45
CA CYS A 56 11.71 8.50 -0.09
C CYS A 56 12.52 7.38 -0.75
N LEU A 57 13.31 7.74 -1.75
CA LEU A 57 14.14 6.76 -2.46
C LEU A 57 15.10 6.07 -1.51
N ASP A 58 15.78 5.05 -2.00
CA ASP A 58 16.75 4.31 -1.20
C ASP A 58 17.92 3.83 -2.05
N TYR A 59 18.83 3.08 -1.44
CA TYR A 59 20.00 2.56 -2.14
C TYR A 59 19.61 1.47 -3.13
N LEU A 60 20.21 1.50 -4.31
CA LEU A 60 19.92 0.51 -5.34
C LEU A 60 21.03 -0.54 -5.40
N LEU A 1 -1.98 18.23 -2.46
CA LEU A 1 -2.98 18.97 -1.70
C LEU A 1 -2.73 20.48 -1.79
N LYS A 2 -3.55 21.16 -2.58
CA LYS A 2 -3.43 22.60 -2.75
C LYS A 2 -2.10 22.95 -3.40
N GLU A 3 -1.67 22.13 -4.34
CA GLU A 3 -0.40 22.35 -5.03
C GLU A 3 0.77 22.29 -4.07
N ASN A 4 1.51 21.18 -4.12
CA ASN A 4 2.67 20.99 -3.25
C ASN A 4 3.57 19.88 -3.77
N ASP A 5 4.73 19.72 -3.15
CA ASP A 5 5.68 18.70 -3.55
C ASP A 5 5.63 17.50 -2.60
N HIS A 6 6.04 17.73 -1.35
CA HIS A 6 6.04 16.68 -0.35
C HIS A 6 4.63 16.15 -0.12
N ALA A 7 3.64 16.99 -0.39
CA ALA A 7 2.24 16.60 -0.21
C ALA A 7 1.84 15.50 -1.19
N ARG A 8 1.97 15.80 -2.48
CA ARG A 8 1.63 14.84 -3.52
C ARG A 8 2.42 13.55 -3.36
N PHE A 9 3.64 13.67 -2.83
CA PHE A 9 4.50 12.52 -2.62
C PHE A 9 3.97 11.63 -1.49
N LEU A 10 3.68 12.25 -0.36
CA LEU A 10 3.17 11.52 0.80
C LEU A 10 1.77 10.97 0.52
N GLN A 11 0.92 11.80 -0.08
CA GLN A 11 -0.43 11.39 -0.40
C GLN A 11 -0.44 10.16 -1.29
N THR A 12 0.61 10.01 -2.09
CA THR A 12 0.73 8.85 -2.98
C THR A 12 1.11 7.59 -2.23
N ALA A 13 2.21 7.67 -1.48
CA ALA A 13 2.69 6.54 -0.70
C ALA A 13 1.56 5.94 0.15
N LYS A 14 0.80 6.81 0.81
CA LYS A 14 -0.30 6.38 1.65
C LYS A 14 -1.45 5.85 0.81
N ASN A 15 -1.81 6.59 -0.24
CA ASN A 15 -2.89 6.20 -1.13
C ASN A 15 -2.67 4.80 -1.67
N ILE A 16 -1.40 4.43 -1.84
CA ILE A 16 -1.05 3.12 -2.35
C ILE A 16 -1.42 2.01 -1.36
N THR A 17 -0.97 2.18 -0.12
CA THR A 17 -1.24 1.20 0.93
C THR A 17 -2.71 1.26 1.35
N GLU A 18 -3.32 2.42 1.16
CA GLU A 18 -4.73 2.60 1.53
C GLU A 18 -5.65 1.98 0.48
N ARG A 19 -5.27 2.11 -0.79
CA ARG A 19 -6.07 1.56 -1.88
C ARG A 19 -6.00 0.04 -1.89
N VAL A 20 -4.79 -0.50 -1.78
CA VAL A 20 -4.59 -1.94 -1.77
C VAL A 20 -5.46 -2.61 -0.72
N SER A 21 -5.49 -2.04 0.48
CA SER A 21 -6.28 -2.59 1.58
C SER A 21 -7.76 -2.65 1.19
N MET A 22 -8.32 -1.50 0.83
CA MET A 22 -9.72 -1.43 0.45
C MET A 22 -10.01 -2.34 -0.74
N ALA A 23 -9.02 -2.49 -1.61
CA ALA A 23 -9.16 -3.34 -2.79
C ALA A 23 -9.24 -4.81 -2.41
N THR A 24 -8.31 -5.25 -1.58
CA THR A 24 -8.27 -6.64 -1.13
C THR A 24 -9.60 -7.05 -0.51
N ALA A 25 -10.14 -6.19 0.35
CA ALA A 25 -11.41 -6.46 1.01
C ALA A 25 -12.55 -6.50 0.00
N SER A 26 -12.73 -5.39 -0.71
CA SER A 26 -13.80 -5.29 -1.71
C SER A 26 -13.69 -6.42 -2.74
N SER A 27 -12.47 -6.89 -2.97
CA SER A 27 -12.24 -7.97 -3.92
C SER A 27 -12.98 -9.24 -3.51
N GLN A 28 -12.86 -9.60 -2.24
CA GLN A 28 -13.52 -10.78 -1.71
C GLN A 28 -14.28 -10.47 -0.43
N VAL A 29 -13.53 -10.27 0.65
CA VAL A 29 -14.14 -9.96 1.95
C VAL A 29 -13.06 -9.75 3.01
N LEU A 30 -11.94 -10.43 2.86
CA LEU A 30 -10.85 -10.31 3.81
C LEU A 30 -11.20 -10.97 5.14
N ILE A 31 -10.91 -12.26 5.26
CA ILE A 31 -11.20 -13.00 6.48
C ILE A 31 -10.19 -14.13 6.69
N PRO A 32 -9.98 -14.51 7.95
CA PRO A 32 -9.05 -15.57 8.33
C PRO A 32 -9.56 -16.95 7.90
N GLU A 33 -8.62 -17.82 7.52
CA GLU A 33 -8.97 -19.17 7.08
C GLU A 33 -7.88 -20.16 7.45
N ILE A 34 -6.64 -19.82 7.12
CA ILE A 34 -5.50 -20.68 7.41
C ILE A 34 -4.18 -19.94 7.20
N ASN A 35 -4.14 -19.12 6.16
CA ASN A 35 -2.93 -18.35 5.85
C ASN A 35 -3.29 -16.96 5.34
N LEU A 36 -4.32 -16.36 5.94
CA LEU A 36 -4.78 -15.03 5.54
C LEU A 36 -3.73 -13.98 5.91
N ASN A 37 -3.29 -14.01 7.16
CA ASN A 37 -2.29 -13.05 7.64
C ASN A 37 -1.01 -13.14 6.80
N ASP A 38 -0.84 -14.25 6.12
CA ASP A 38 0.34 -14.46 5.28
C ASP A 38 0.15 -13.81 3.92
N THR A 39 -0.91 -14.20 3.21
CA THR A 39 -1.20 -13.65 1.89
C THR A 39 -1.30 -12.14 1.94
N PHE A 40 -2.11 -11.62 2.86
CA PHE A 40 -2.30 -10.19 3.01
C PHE A 40 -0.97 -9.50 3.33
N ASP A 41 -0.16 -10.14 4.17
CA ASP A 41 1.14 -9.59 4.55
C ASP A 41 2.02 -9.36 3.33
N THR A 42 2.31 -10.44 2.61
CA THR A 42 3.14 -10.36 1.41
C THR A 42 2.54 -9.40 0.38
N PHE A 43 1.23 -9.22 0.46
CA PHE A 43 0.53 -8.32 -0.47
C PHE A 43 0.76 -6.86 -0.10
N ALA A 44 0.50 -6.52 1.15
CA ALA A 44 0.69 -5.16 1.64
C ALA A 44 2.17 -4.79 1.69
N LEU A 45 2.97 -5.67 2.27
CA LEU A 45 4.40 -5.44 2.38
C LEU A 45 4.99 -5.00 1.05
N ASP A 46 4.86 -5.86 0.04
CA ASP A 46 5.38 -5.55 -1.29
C ASP A 46 4.98 -4.15 -1.72
N PHE A 47 3.70 -3.84 -1.57
CA PHE A 47 3.18 -2.53 -1.96
C PHE A 47 3.92 -1.42 -1.21
N SER A 48 4.07 -1.58 0.10
CA SER A 48 4.76 -0.59 0.92
C SER A 48 6.13 -0.28 0.35
N ARG A 49 6.88 -1.31 0.00
CA ARG A 49 8.21 -1.15 -0.57
C ARG A 49 8.21 -0.11 -1.69
N GLU A 50 7.21 -0.21 -2.56
CA GLU A 50 7.08 0.72 -3.69
C GLU A 50 6.59 2.08 -3.21
N LYS A 51 5.83 2.09 -2.13
CA LYS A 51 5.29 3.32 -1.57
C LYS A 51 6.41 4.26 -1.15
N LYS A 52 7.52 3.68 -0.69
CA LYS A 52 8.68 4.46 -0.26
C LYS A 52 9.51 4.92 -1.45
N LEU A 53 9.91 3.97 -2.29
CA LEU A 53 10.71 4.27 -3.47
C LEU A 53 10.07 5.39 -4.29
N LEU A 54 8.75 5.51 -4.18
CA LEU A 54 8.01 6.54 -4.91
C LEU A 54 8.23 7.91 -4.29
N GLU A 55 7.86 8.04 -3.01
CA GLU A 55 8.03 9.30 -2.30
C GLU A 55 9.47 9.79 -2.37
N CYS A 56 10.41 8.90 -2.08
CA CYS A 56 11.82 9.24 -2.12
C CYS A 56 12.68 8.00 -2.30
N LEU A 57 13.24 7.84 -3.49
CA LEU A 57 14.08 6.68 -3.79
C LEU A 57 15.18 6.52 -2.75
N ASP A 58 15.81 5.35 -2.74
CA ASP A 58 16.88 5.06 -1.79
C ASP A 58 17.92 4.14 -2.40
N TYR A 59 17.56 2.86 -2.54
CA TYR A 59 18.46 1.87 -3.12
C TYR A 59 17.69 0.81 -3.89
N LEU A 60 18.30 0.30 -4.94
CA LEU A 60 17.67 -0.73 -5.77
C LEU A 60 18.16 -2.12 -5.38
N LEU A 1 -6.50 18.00 1.54
CA LEU A 1 -6.32 19.45 1.62
C LEU A 1 -4.85 19.83 1.44
N LYS A 2 -4.22 19.23 0.43
CA LYS A 2 -2.82 19.51 0.14
C LYS A 2 -2.53 19.35 -1.35
N GLU A 3 -1.67 20.22 -1.88
CA GLU A 3 -1.32 20.18 -3.29
C GLU A 3 0.02 20.89 -3.53
N ASN A 4 1.11 20.12 -3.40
CA ASN A 4 2.44 20.67 -3.60
C ASN A 4 3.39 19.60 -4.13
N ASP A 5 4.68 19.93 -4.19
CA ASP A 5 5.68 18.99 -4.68
C ASP A 5 5.68 17.71 -3.84
N HIS A 6 6.02 17.85 -2.56
CA HIS A 6 6.05 16.70 -1.66
C HIS A 6 4.64 16.18 -1.39
N ALA A 7 3.72 17.10 -1.16
CA ALA A 7 2.33 16.73 -0.89
C ALA A 7 1.78 15.80 -1.97
N ARG A 8 2.27 15.98 -3.20
CA ARG A 8 1.83 15.16 -4.32
C ARG A 8 2.47 13.77 -4.25
N PHE A 9 3.78 13.73 -4.10
CA PHE A 9 4.51 12.47 -4.02
C PHE A 9 3.99 11.61 -2.87
N LEU A 10 3.65 12.26 -1.76
CA LEU A 10 3.14 11.56 -0.59
C LEU A 10 1.75 10.97 -0.86
N GLN A 11 0.87 11.79 -1.41
CA GLN A 11 -0.49 11.35 -1.73
C GLN A 11 -0.46 10.09 -2.59
N THR A 12 0.61 9.93 -3.37
CA THR A 12 0.75 8.77 -4.24
C THR A 12 1.14 7.52 -3.44
N ALA A 13 2.27 7.61 -2.75
CA ALA A 13 2.76 6.49 -1.95
C ALA A 13 1.66 5.97 -1.03
N LYS A 14 0.84 6.88 -0.50
CA LYS A 14 -0.25 6.50 0.39
C LYS A 14 -1.40 5.88 -0.39
N ASN A 15 -1.77 6.51 -1.50
CA ASN A 15 -2.87 6.01 -2.32
C ASN A 15 -2.57 4.60 -2.81
N ILE A 16 -1.29 4.23 -2.82
CA ILE A 16 -0.89 2.90 -3.26
C ILE A 16 -1.21 1.85 -2.21
N THR A 17 -0.71 2.06 -1.00
CA THR A 17 -0.96 1.13 0.10
C THR A 17 -2.39 1.24 0.62
N GLU A 18 -3.00 2.40 0.38
CA GLU A 18 -4.37 2.64 0.83
C GLU A 18 -5.38 1.98 -0.12
N ARG A 19 -5.07 2.04 -1.41
CA ARG A 19 -5.95 1.46 -2.42
C ARG A 19 -5.91 -0.07 -2.35
N VAL A 20 -4.71 -0.63 -2.27
CA VAL A 20 -4.53 -2.08 -2.20
C VAL A 20 -5.35 -2.67 -1.05
N SER A 21 -5.27 -2.02 0.11
CA SER A 21 -5.99 -2.49 1.29
C SER A 21 -7.49 -2.55 1.01
N MET A 22 -8.06 -1.40 0.64
CA MET A 22 -9.49 -1.31 0.36
C MET A 22 -9.87 -2.28 -0.76
N ALA A 23 -8.96 -2.46 -1.71
CA ALA A 23 -9.22 -3.36 -2.83
C ALA A 23 -9.27 -4.81 -2.37
N THR A 24 -8.17 -5.29 -1.81
CA THR A 24 -8.10 -6.67 -1.33
C THR A 24 -9.24 -6.97 -0.36
N ALA A 25 -9.52 -6.03 0.52
CA ALA A 25 -10.59 -6.20 1.51
C ALA A 25 -11.95 -6.27 0.83
N SER A 26 -12.29 -5.22 0.08
CA SER A 26 -13.57 -5.16 -0.62
C SER A 26 -13.73 -6.35 -1.57
N SER A 27 -12.59 -6.85 -2.05
CA SER A 27 -12.60 -7.99 -2.97
C SER A 27 -13.24 -9.21 -2.32
N GLN A 28 -12.84 -9.49 -1.09
CA GLN A 28 -13.36 -10.65 -0.37
C GLN A 28 -13.98 -10.21 0.97
N VAL A 29 -13.12 -9.91 1.93
CA VAL A 29 -13.58 -9.47 3.25
C VAL A 29 -12.40 -9.18 4.17
N LEU A 30 -11.31 -9.93 3.99
CA LEU A 30 -10.12 -9.76 4.81
C LEU A 30 -10.38 -10.16 6.25
N ILE A 31 -10.31 -11.46 6.53
CA ILE A 31 -10.54 -11.97 7.87
C ILE A 31 -9.81 -13.28 8.09
N PRO A 32 -9.51 -13.59 9.37
CA PRO A 32 -8.82 -14.83 9.74
C PRO A 32 -9.68 -16.07 9.53
N GLU A 33 -9.30 -16.90 8.57
CA GLU A 33 -10.05 -18.11 8.27
C GLU A 33 -9.12 -19.33 8.27
N ILE A 34 -8.33 -19.46 7.21
CA ILE A 34 -7.39 -20.58 7.10
C ILE A 34 -5.98 -20.09 6.78
N ASN A 35 -5.89 -19.04 5.97
CA ASN A 35 -4.60 -18.47 5.60
C ASN A 35 -4.78 -17.20 4.77
N LEU A 36 -5.27 -16.15 5.42
CA LEU A 36 -5.50 -14.87 4.76
C LEU A 36 -4.46 -13.85 5.18
N ASN A 37 -4.08 -13.88 6.46
CA ASN A 37 -3.09 -12.96 7.00
C ASN A 37 -1.79 -13.03 6.20
N ASP A 38 -1.31 -14.26 5.99
CA ASP A 38 -0.07 -14.47 5.24
C ASP A 38 -0.18 -13.90 3.84
N THR A 39 -1.24 -14.27 3.13
CA THR A 39 -1.46 -13.80 1.77
C THR A 39 -1.51 -12.27 1.72
N PHE A 40 -2.37 -11.69 2.55
CA PHE A 40 -2.51 -10.24 2.61
C PHE A 40 -1.19 -9.57 2.97
N ASP A 41 -0.47 -10.17 3.92
CA ASP A 41 0.81 -9.64 4.36
C ASP A 41 1.79 -9.52 3.18
N THR A 42 2.12 -10.67 2.59
CA THR A 42 3.04 -10.70 1.46
C THR A 42 2.58 -9.76 0.35
N PHE A 43 1.28 -9.53 0.28
CA PHE A 43 0.70 -8.64 -0.73
C PHE A 43 1.01 -7.18 -0.42
N ALA A 44 0.55 -6.72 0.72
CA ALA A 44 0.78 -5.34 1.14
C ALA A 44 2.27 -5.01 1.18
N LEU A 45 3.05 -5.90 1.78
CA LEU A 45 4.49 -5.71 1.89
C LEU A 45 5.07 -5.27 0.56
N ASP A 46 4.91 -6.11 -0.47
CA ASP A 46 5.42 -5.80 -1.80
C ASP A 46 5.03 -4.39 -2.23
N PHE A 47 3.74 -4.07 -2.08
CA PHE A 47 3.23 -2.76 -2.45
C PHE A 47 3.97 -1.66 -1.70
N SER A 48 3.92 -1.72 -0.37
CA SER A 48 4.57 -0.73 0.47
C SER A 48 6.03 -0.56 0.08
N ARG A 49 6.71 -1.69 -0.14
CA ARG A 49 8.12 -1.68 -0.52
C ARG A 49 8.38 -0.62 -1.59
N GLU A 50 7.51 -0.58 -2.59
CA GLU A 50 7.65 0.38 -3.68
C GLU A 50 7.17 1.76 -3.27
N LYS A 51 6.13 1.79 -2.42
CA LYS A 51 5.57 3.03 -1.93
C LYS A 51 6.61 3.81 -1.12
N LYS A 52 7.53 3.10 -0.50
CA LYS A 52 8.58 3.73 0.30
C LYS A 52 9.65 4.34 -0.59
N LEU A 53 10.19 3.54 -1.50
CA LEU A 53 11.23 4.00 -2.41
C LEU A 53 10.80 5.27 -3.13
N LEU A 54 9.49 5.44 -3.28
CA LEU A 54 8.94 6.61 -3.95
C LEU A 54 9.06 7.85 -3.07
N GLU A 55 8.56 7.75 -1.83
CA GLU A 55 8.62 8.87 -0.90
C GLU A 55 10.07 9.22 -0.56
N CYS A 56 10.77 8.27 0.06
CA CYS A 56 12.17 8.48 0.45
C CYS A 56 13.06 7.41 -0.17
N LEU A 57 14.36 7.68 -0.19
CA LEU A 57 15.32 6.74 -0.75
C LEU A 57 14.99 6.43 -2.21
N ASP A 58 15.55 7.21 -3.12
CA ASP A 58 15.32 7.01 -4.55
C ASP A 58 16.54 6.37 -5.22
N TYR A 59 16.32 5.76 -6.37
CA TYR A 59 17.40 5.11 -7.11
C TYR A 59 18.03 4.00 -6.29
N LEU A 60 17.56 2.77 -6.51
CA LEU A 60 18.08 1.61 -5.79
C LEU A 60 17.95 1.80 -4.29
N LEU A 1 -6.17 19.51 3.15
CA LEU A 1 -5.94 19.41 1.72
C LEU A 1 -4.84 20.39 1.27
N LYS A 2 -3.87 19.88 0.53
CA LYS A 2 -2.77 20.69 0.05
C LYS A 2 -2.25 20.17 -1.29
N GLU A 3 -1.34 20.92 -1.91
CA GLU A 3 -0.77 20.54 -3.19
C GLU A 3 0.70 20.91 -3.27
N ASN A 4 1.43 20.63 -2.19
CA ASN A 4 2.86 20.93 -2.13
C ASN A 4 3.68 19.79 -2.73
N ASP A 5 4.98 20.03 -2.90
CA ASP A 5 5.88 19.03 -3.46
C ASP A 5 5.85 17.76 -2.63
N HIS A 6 6.02 17.91 -1.32
CA HIS A 6 6.01 16.76 -0.41
C HIS A 6 4.59 16.22 -0.23
N ALA A 7 3.60 17.08 -0.41
CA ALA A 7 2.20 16.69 -0.28
C ALA A 7 1.80 15.71 -1.37
N ARG A 8 1.94 16.13 -2.62
CA ARG A 8 1.58 15.28 -3.75
C ARG A 8 2.32 13.94 -3.68
N PHE A 9 3.61 13.99 -3.35
CA PHE A 9 4.42 12.78 -3.25
C PHE A 9 3.84 11.82 -2.21
N LEU A 10 3.49 12.36 -1.04
CA LEU A 10 2.93 11.55 0.03
C LEU A 10 1.54 11.04 -0.35
N GLN A 11 0.78 11.88 -1.05
CA GLN A 11 -0.57 11.51 -1.48
C GLN A 11 -0.54 10.25 -2.34
N THR A 12 0.58 10.02 -3.01
CA THR A 12 0.72 8.86 -3.88
C THR A 12 1.09 7.62 -3.06
N ALA A 13 2.15 7.72 -2.27
CA ALA A 13 2.59 6.61 -1.44
C ALA A 13 1.44 6.05 -0.60
N LYS A 14 0.67 6.95 0.00
CA LYS A 14 -0.46 6.54 0.83
C LYS A 14 -1.59 5.97 -0.04
N ASN A 15 -1.90 6.67 -1.12
CA ASN A 15 -2.96 6.23 -2.03
C ASN A 15 -2.68 4.83 -2.55
N ILE A 16 -1.41 4.43 -2.53
CA ILE A 16 -1.02 3.11 -3.01
C ILE A 16 -1.39 2.04 -2.00
N THR A 17 -0.98 2.23 -0.75
CA THR A 17 -1.29 1.27 0.30
C THR A 17 -2.73 1.37 0.75
N GLU A 18 -3.35 2.52 0.49
CA GLU A 18 -4.73 2.76 0.86
C GLU A 18 -5.69 2.08 -0.12
N ARG A 19 -5.33 2.12 -1.40
CA ARG A 19 -6.15 1.50 -2.44
C ARG A 19 -6.12 -0.02 -2.33
N VAL A 20 -4.93 -0.57 -2.18
CA VAL A 20 -4.77 -2.02 -2.06
C VAL A 20 -5.63 -2.57 -0.95
N SER A 21 -5.61 -1.91 0.20
CA SER A 21 -6.38 -2.35 1.36
C SER A 21 -7.87 -2.41 1.02
N MET A 22 -8.38 -1.34 0.41
CA MET A 22 -9.79 -1.28 0.03
C MET A 22 -10.16 -2.47 -0.83
N ALA A 23 -9.29 -2.82 -1.77
CA ALA A 23 -9.54 -3.95 -2.66
C ALA A 23 -9.57 -5.26 -1.89
N THR A 24 -8.75 -5.35 -0.85
CA THR A 24 -8.69 -6.56 -0.03
C THR A 24 -9.86 -6.63 0.94
N ALA A 25 -10.33 -5.47 1.39
CA ALA A 25 -11.44 -5.40 2.31
C ALA A 25 -12.77 -5.31 1.57
N SER A 26 -12.70 -5.36 0.24
CA SER A 26 -13.90 -5.28 -0.58
C SER A 26 -14.13 -6.58 -1.34
N SER A 27 -13.05 -7.34 -1.54
CA SER A 27 -13.13 -8.61 -2.25
C SER A 27 -13.10 -9.78 -1.27
N GLN A 28 -12.32 -9.62 -0.20
CA GLN A 28 -12.20 -10.68 0.81
C GLN A 28 -12.70 -10.18 2.16
N VAL A 29 -12.68 -8.87 2.35
CA VAL A 29 -13.13 -8.27 3.60
C VAL A 29 -12.21 -8.64 4.76
N LEU A 30 -10.93 -8.85 4.45
CA LEU A 30 -9.94 -9.21 5.45
C LEU A 30 -10.42 -10.40 6.28
N ILE A 31 -10.43 -11.57 5.66
CA ILE A 31 -10.86 -12.79 6.34
C ILE A 31 -9.69 -13.75 6.54
N PRO A 32 -8.83 -13.44 7.54
CA PRO A 32 -7.67 -14.27 7.87
C PRO A 32 -8.05 -15.61 8.47
N GLU A 33 -8.22 -16.62 7.62
CA GLU A 33 -8.59 -17.95 8.07
C GLU A 33 -7.35 -18.74 8.49
N ILE A 34 -6.51 -19.09 7.51
CA ILE A 34 -5.30 -19.85 7.77
C ILE A 34 -4.25 -19.58 6.71
N ASN A 35 -4.69 -19.54 5.45
CA ASN A 35 -3.78 -19.29 4.34
C ASN A 35 -4.11 -17.99 3.63
N LEU A 36 -4.47 -16.97 4.42
CA LEU A 36 -4.81 -15.66 3.87
C LEU A 36 -3.84 -14.59 4.35
N ASN A 37 -3.43 -14.71 5.61
CA ASN A 37 -2.49 -13.75 6.19
C ASN A 37 -1.20 -13.68 5.38
N ASP A 38 -0.62 -14.84 5.09
CA ASP A 38 0.61 -14.91 4.32
C ASP A 38 0.43 -14.26 2.95
N THR A 39 -0.80 -14.30 2.43
CA THR A 39 -1.11 -13.72 1.13
C THR A 39 -1.24 -12.20 1.23
N PHE A 40 -2.08 -11.74 2.14
CA PHE A 40 -2.29 -10.31 2.34
C PHE A 40 -0.99 -9.61 2.70
N ASP A 41 -0.22 -10.23 3.58
CA ASP A 41 1.07 -9.67 4.00
C ASP A 41 1.98 -9.44 2.81
N THR A 42 2.31 -10.52 2.11
CA THR A 42 3.18 -10.42 0.94
C THR A 42 2.62 -9.47 -0.10
N PHE A 43 1.30 -9.27 -0.07
CA PHE A 43 0.64 -8.37 -1.00
C PHE A 43 0.90 -6.91 -0.64
N ALA A 44 0.67 -6.58 0.62
CA ALA A 44 0.88 -5.21 1.10
C ALA A 44 2.36 -4.85 1.09
N LEU A 45 3.18 -5.74 1.63
CA LEU A 45 4.63 -5.52 1.69
C LEU A 45 5.16 -5.04 0.35
N ASP A 46 4.99 -5.87 -0.67
CA ASP A 46 5.45 -5.53 -2.02
C ASP A 46 5.03 -4.13 -2.40
N PHE A 47 3.76 -3.81 -2.16
CA PHE A 47 3.22 -2.49 -2.48
C PHE A 47 4.03 -1.40 -1.81
N SER A 48 4.21 -1.52 -0.50
CA SER A 48 4.96 -0.53 0.28
C SER A 48 6.33 -0.29 -0.35
N ARG A 49 7.01 -1.37 -0.71
CA ARG A 49 8.34 -1.28 -1.31
C ARG A 49 8.35 -0.23 -2.42
N GLU A 50 7.29 -0.21 -3.23
CA GLU A 50 7.19 0.73 -4.32
C GLU A 50 6.71 2.10 -3.83
N LYS A 51 5.90 2.08 -2.76
CA LYS A 51 5.38 3.32 -2.19
C LYS A 51 6.51 4.22 -1.71
N LYS A 52 7.62 3.61 -1.32
CA LYS A 52 8.77 4.36 -0.84
C LYS A 52 9.63 4.85 -2.01
N LEU A 53 10.06 3.92 -2.85
CA LEU A 53 10.88 4.26 -4.01
C LEU A 53 10.23 5.37 -4.83
N LEU A 54 8.91 5.45 -4.75
CA LEU A 54 8.16 6.48 -5.49
C LEU A 54 8.34 7.85 -4.85
N GLU A 55 7.95 7.96 -3.58
CA GLU A 55 8.06 9.22 -2.86
C GLU A 55 9.52 9.68 -2.80
N CYS A 56 10.41 8.79 -2.36
CA CYS A 56 11.82 9.11 -2.26
C CYS A 56 12.67 8.00 -2.86
N LEU A 57 13.98 8.22 -2.91
CA LEU A 57 14.90 7.25 -3.47
C LEU A 57 15.26 6.18 -2.44
N ASP A 58 15.21 4.91 -2.86
CA ASP A 58 15.53 3.81 -1.98
C ASP A 58 15.52 2.48 -2.74
N TYR A 59 16.08 1.44 -2.13
CA TYR A 59 16.14 0.13 -2.75
C TYR A 59 16.19 -0.97 -1.70
N LEU A 60 17.35 -1.11 -1.04
CA LEU A 60 17.52 -2.12 -0.01
C LEU A 60 17.30 -1.53 1.38
N LEU A 1 -4.85 22.35 1.60
CA LEU A 1 -3.79 21.60 0.90
C LEU A 1 -3.03 22.50 -0.05
N LYS A 2 -1.71 22.57 0.11
CA LYS A 2 -0.87 23.39 -0.74
C LYS A 2 0.36 22.61 -1.21
N GLU A 3 1.23 23.28 -1.95
CA GLU A 3 2.44 22.64 -2.46
C GLU A 3 2.10 21.51 -3.42
N ASN A 4 2.26 21.77 -4.71
CA ASN A 4 1.97 20.76 -5.73
C ASN A 4 3.18 19.88 -5.99
N ASP A 5 3.72 19.30 -4.92
CA ASP A 5 4.88 18.42 -5.02
C ASP A 5 4.82 17.32 -3.97
N HIS A 6 4.90 17.70 -2.70
CA HIS A 6 4.85 16.75 -1.61
C HIS A 6 3.42 16.31 -1.33
N ALA A 7 2.46 17.17 -1.66
CA ALA A 7 1.06 16.86 -1.44
C ALA A 7 0.59 15.75 -2.37
N ARG A 8 1.16 15.70 -3.57
CA ARG A 8 0.80 14.70 -4.56
C ARG A 8 1.56 13.39 -4.30
N PHE A 9 2.78 13.51 -3.78
CA PHE A 9 3.61 12.35 -3.50
C PHE A 9 3.06 11.58 -2.29
N LEU A 10 2.75 12.32 -1.23
CA LEU A 10 2.22 11.70 -0.01
C LEU A 10 0.84 11.11 -0.25
N GLN A 11 -0.05 11.91 -0.83
CA GLN A 11 -1.41 11.46 -1.12
C GLN A 11 -1.40 10.25 -2.06
N THR A 12 -0.38 10.19 -2.91
CA THR A 12 -0.25 9.10 -3.86
C THR A 12 0.27 7.84 -3.19
N ALA A 13 1.43 7.95 -2.55
CA ALA A 13 2.04 6.82 -1.87
C ALA A 13 1.05 6.16 -0.91
N LYS A 14 0.32 6.98 -0.17
CA LYS A 14 -0.67 6.48 0.79
C LYS A 14 -1.86 5.87 0.05
N ASN A 15 -2.37 6.59 -0.94
CA ASN A 15 -3.51 6.13 -1.72
C ASN A 15 -3.25 4.74 -2.30
N ILE A 16 -1.97 4.43 -2.50
CA ILE A 16 -1.59 3.14 -3.05
C ILE A 16 -1.80 2.02 -2.04
N THR A 17 -1.25 2.19 -0.85
CA THR A 17 -1.38 1.20 0.21
C THR A 17 -2.78 1.22 0.81
N GLU A 18 -3.47 2.35 0.65
CA GLU A 18 -4.82 2.49 1.18
C GLU A 18 -5.84 1.88 0.24
N ARG A 19 -5.56 1.96 -1.06
CA ARG A 19 -6.46 1.42 -2.08
C ARG A 19 -6.35 -0.10 -2.15
N VAL A 20 -5.13 -0.61 -1.91
CA VAL A 20 -4.90 -2.05 -1.95
C VAL A 20 -5.53 -2.74 -0.74
N SER A 21 -5.48 -2.07 0.41
CA SER A 21 -6.04 -2.62 1.63
C SER A 21 -7.57 -2.74 1.53
N MET A 22 -8.23 -1.62 1.31
CA MET A 22 -9.68 -1.61 1.18
C MET A 22 -10.14 -2.50 0.04
N ALA A 23 -9.29 -2.66 -0.96
CA ALA A 23 -9.61 -3.50 -2.12
C ALA A 23 -9.63 -4.97 -1.73
N THR A 24 -8.60 -5.43 -1.04
CA THR A 24 -8.51 -6.81 -0.61
C THR A 24 -9.41 -7.07 0.59
N ALA A 25 -9.72 -6.02 1.33
CA ALA A 25 -10.59 -6.14 2.51
C ALA A 25 -12.06 -6.14 2.12
N SER A 26 -12.33 -5.77 0.87
CA SER A 26 -13.70 -5.72 0.37
C SER A 26 -13.87 -6.66 -0.82
N SER A 27 -12.81 -7.37 -1.16
CA SER A 27 -12.85 -8.31 -2.29
C SER A 27 -12.97 -9.75 -1.78
N GLN A 28 -12.34 -10.03 -0.65
CA GLN A 28 -12.38 -11.36 -0.07
C GLN A 28 -13.05 -11.34 1.30
N VAL A 29 -12.30 -10.92 2.32
CA VAL A 29 -12.84 -10.84 3.68
C VAL A 29 -11.77 -10.33 4.64
N LEU A 30 -10.52 -10.68 4.38
CA LEU A 30 -9.42 -10.25 5.24
C LEU A 30 -9.51 -10.89 6.62
N ILE A 31 -9.30 -12.20 6.68
CA ILE A 31 -9.37 -12.92 7.95
C ILE A 31 -8.45 -14.14 7.93
N PRO A 32 -7.99 -14.55 9.12
CA PRO A 32 -7.10 -15.70 9.27
C PRO A 32 -7.81 -17.02 8.97
N GLU A 33 -7.25 -17.79 8.03
CA GLU A 33 -7.83 -19.07 7.65
C GLU A 33 -6.78 -20.18 7.70
N ILE A 34 -5.88 -20.18 6.72
CA ILE A 34 -4.83 -21.18 6.66
C ILE A 34 -3.56 -20.60 6.06
N ASN A 35 -3.71 -19.80 5.00
CA ASN A 35 -2.58 -19.19 4.33
C ASN A 35 -2.97 -17.85 3.70
N LEU A 36 -4.01 -17.24 4.25
CA LEU A 36 -4.49 -15.96 3.74
C LEU A 36 -3.51 -14.83 4.07
N ASN A 37 -2.91 -14.90 5.26
CA ASN A 37 -1.96 -13.90 5.69
C ASN A 37 -0.80 -13.79 4.71
N ASP A 38 -0.19 -14.93 4.40
CA ASP A 38 0.93 -14.96 3.46
C ASP A 38 0.56 -14.30 2.14
N THR A 39 -0.72 -14.36 1.79
CA THR A 39 -1.20 -13.76 0.55
C THR A 39 -1.32 -12.25 0.68
N PHE A 40 -2.09 -11.81 1.68
CA PHE A 40 -2.29 -10.38 1.91
C PHE A 40 -0.96 -9.67 2.15
N ASP A 41 -0.08 -10.32 2.91
CA ASP A 41 1.23 -9.76 3.22
C ASP A 41 1.99 -9.45 1.94
N THR A 42 2.25 -10.49 1.15
CA THR A 42 2.98 -10.32 -0.11
C THR A 42 2.29 -9.31 -1.02
N PHE A 43 0.99 -9.12 -0.82
CA PHE A 43 0.22 -8.19 -1.63
C PHE A 43 0.51 -6.74 -1.20
N ALA A 44 0.35 -6.47 0.09
CA ALA A 44 0.59 -5.14 0.63
C ALA A 44 2.08 -4.79 0.57
N LEU A 45 2.91 -5.70 1.02
CA LEU A 45 4.36 -5.49 1.03
C LEU A 45 4.83 -4.96 -0.33
N ASP A 46 4.62 -5.74 -1.38
CA ASP A 46 5.02 -5.35 -2.72
C ASP A 46 4.57 -3.93 -3.03
N PHE A 47 3.29 -3.65 -2.79
CA PHE A 47 2.73 -2.33 -3.04
C PHE A 47 3.50 -1.26 -2.27
N SER A 48 3.58 -1.43 -0.96
CA SER A 48 4.28 -0.47 -0.11
C SER A 48 5.69 -0.21 -0.64
N ARG A 49 6.39 -1.28 -1.00
CA ARG A 49 7.75 -1.17 -1.51
C ARG A 49 7.85 -0.05 -2.54
N GLU A 50 6.89 0.01 -3.44
CA GLU A 50 6.87 1.04 -4.47
C GLU A 50 6.39 2.38 -3.91
N LYS A 51 5.47 2.31 -2.95
CA LYS A 51 4.94 3.50 -2.32
C LYS A 51 6.03 4.29 -1.61
N LYS A 52 7.06 3.58 -1.16
CA LYS A 52 8.17 4.21 -0.46
C LYS A 52 9.11 4.90 -1.45
N LEU A 53 9.53 4.17 -2.47
CA LEU A 53 10.43 4.71 -3.47
C LEU A 53 9.88 6.03 -4.04
N LEU A 54 8.56 6.17 -4.01
CA LEU A 54 7.91 7.37 -4.53
C LEU A 54 8.14 8.55 -3.58
N GLU A 55 7.69 8.40 -2.33
CA GLU A 55 7.84 9.45 -1.33
C GLU A 55 9.31 9.78 -1.12
N CYS A 56 10.09 8.79 -0.72
CA CYS A 56 11.51 8.98 -0.47
C CYS A 56 12.34 7.90 -1.17
N LEU A 57 13.65 7.93 -0.96
CA LEU A 57 14.54 6.96 -1.57
C LEU A 57 15.12 6.01 -0.52
N ASP A 58 15.09 4.71 -0.80
CA ASP A 58 15.62 3.71 0.12
C ASP A 58 16.03 2.45 -0.64
N TYR A 59 16.77 1.58 0.04
CA TYR A 59 17.23 0.33 -0.56
C TYR A 59 17.12 -0.82 0.43
N LEU A 60 16.15 -1.70 0.21
CA LEU A 60 15.94 -2.85 1.08
C LEU A 60 15.84 -2.42 2.54
N LEU A 1 -3.36 25.16 1.11
CA LEU A 1 -2.46 24.58 0.13
C LEU A 1 -2.20 23.11 0.43
N LYS A 2 -1.79 22.35 -0.58
CA LYS A 2 -1.51 20.93 -0.43
C LYS A 2 -0.48 20.46 -1.46
N GLU A 3 -0.88 20.49 -2.72
CA GLU A 3 0.01 20.06 -3.81
C GLU A 3 1.22 20.98 -3.90
N ASN A 4 2.40 20.40 -3.79
CA ASN A 4 3.64 21.16 -3.87
C ASN A 4 4.80 20.29 -4.36
N ASP A 5 5.05 19.20 -3.64
CA ASP A 5 6.13 18.28 -4.00
C ASP A 5 6.06 17.01 -3.14
N HIS A 6 6.43 17.14 -1.88
CA HIS A 6 6.42 16.01 -0.96
C HIS A 6 4.98 15.57 -0.66
N ALA A 7 4.08 16.54 -0.55
CA ALA A 7 2.68 16.25 -0.28
C ALA A 7 2.11 15.26 -1.28
N ARG A 8 2.59 15.35 -2.52
CA ARG A 8 2.12 14.47 -3.58
C ARG A 8 2.83 13.11 -3.52
N PHE A 9 4.14 13.15 -3.35
CA PHE A 9 4.94 11.93 -3.28
C PHE A 9 4.48 11.06 -2.11
N LEU A 10 4.31 11.68 -0.95
CA LEU A 10 3.87 10.96 0.25
C LEU A 10 2.44 10.47 0.09
N GLN A 11 1.58 11.35 -0.42
CA GLN A 11 0.17 11.01 -0.63
C GLN A 11 0.02 9.76 -1.47
N THR A 12 0.74 9.72 -2.59
CA THR A 12 0.69 8.57 -3.49
C THR A 12 1.10 7.29 -2.77
N ALA A 13 2.23 7.33 -2.09
CA ALA A 13 2.73 6.18 -1.36
C ALA A 13 1.65 5.60 -0.45
N LYS A 14 0.96 6.48 0.27
CA LYS A 14 -0.10 6.06 1.19
C LYS A 14 -1.31 5.56 0.41
N ASN A 15 -1.71 6.31 -0.61
CA ASN A 15 -2.86 5.95 -1.42
C ASN A 15 -2.68 4.56 -2.02
N ILE A 16 -1.43 4.13 -2.16
CA ILE A 16 -1.12 2.81 -2.71
C ILE A 16 -1.46 1.71 -1.72
N THR A 17 -0.92 1.84 -0.50
CA THR A 17 -1.16 0.85 0.54
C THR A 17 -2.55 1.01 1.14
N GLU A 18 -3.16 2.17 0.91
CA GLU A 18 -4.49 2.44 1.42
C GLU A 18 -5.57 1.89 0.49
N ARG A 19 -5.33 2.00 -0.81
CA ARG A 19 -6.27 1.51 -1.81
C ARG A 19 -6.31 -0.02 -1.83
N VAL A 20 -5.15 -0.63 -1.58
CA VAL A 20 -5.05 -2.08 -1.57
C VAL A 20 -5.77 -2.68 -0.36
N SER A 21 -5.57 -2.07 0.79
CA SER A 21 -6.19 -2.54 2.03
C SER A 21 -7.71 -2.57 1.89
N MET A 22 -8.27 -1.45 1.41
CA MET A 22 -9.72 -1.35 1.23
C MET A 22 -10.23 -2.44 0.29
N ALA A 23 -9.49 -2.68 -0.79
CA ALA A 23 -9.87 -3.70 -1.76
C ALA A 23 -9.81 -5.09 -1.14
N THR A 24 -8.64 -5.49 -0.68
CA THR A 24 -8.46 -6.80 -0.07
C THR A 24 -9.44 -7.01 1.08
N ALA A 25 -9.83 -5.91 1.73
CA ALA A 25 -10.77 -5.98 2.84
C ALA A 25 -12.20 -6.12 2.34
N SER A 26 -12.45 -5.65 1.11
CA SER A 26 -13.79 -5.72 0.52
C SER A 26 -13.89 -6.90 -0.44
N SER A 27 -12.83 -7.70 -0.51
CA SER A 27 -12.81 -8.86 -1.39
C SER A 27 -12.98 -10.15 -0.59
N GLN A 28 -12.26 -10.25 0.51
CA GLN A 28 -12.33 -11.45 1.35
C GLN A 28 -12.78 -11.08 2.77
N VAL A 29 -13.24 -9.84 2.93
CA VAL A 29 -13.71 -9.37 4.22
C VAL A 29 -12.57 -9.30 5.23
N LEU A 30 -11.35 -9.40 4.73
CA LEU A 30 -10.17 -9.34 5.59
C LEU A 30 -10.30 -10.32 6.76
N ILE A 31 -10.51 -11.59 6.44
CA ILE A 31 -10.65 -12.62 7.46
C ILE A 31 -9.88 -13.88 7.08
N PRO A 32 -9.45 -14.65 8.10
CA PRO A 32 -8.70 -15.89 7.90
C PRO A 32 -9.57 -16.99 7.29
N GLU A 33 -8.93 -18.12 6.98
CA GLU A 33 -9.64 -19.25 6.40
C GLU A 33 -8.69 -20.43 6.16
N ILE A 34 -7.60 -20.16 5.46
CA ILE A 34 -6.61 -21.18 5.16
C ILE A 34 -5.19 -20.61 5.19
N ASN A 35 -4.99 -19.50 4.48
CA ASN A 35 -3.69 -18.85 4.42
C ASN A 35 -3.82 -17.39 4.03
N LEU A 36 -4.96 -16.79 4.37
CA LEU A 36 -5.21 -15.39 4.04
C LEU A 36 -4.10 -14.50 4.57
N ASN A 37 -3.58 -14.84 5.74
CA ASN A 37 -2.49 -14.06 6.35
C ASN A 37 -1.29 -14.00 5.42
N ASP A 38 -0.86 -15.16 4.94
CA ASP A 38 0.29 -15.23 4.04
C ASP A 38 0.05 -14.43 2.77
N THR A 39 -1.07 -14.70 2.11
CA THR A 39 -1.42 -14.00 0.89
C THR A 39 -1.49 -12.49 1.11
N PHE A 40 -2.21 -12.09 2.16
CA PHE A 40 -2.35 -10.67 2.48
C PHE A 40 -0.98 -10.04 2.72
N ASP A 41 -0.07 -10.80 3.31
CA ASP A 41 1.28 -10.31 3.61
C ASP A 41 2.07 -10.12 2.32
N THR A 42 2.25 -11.20 1.57
CA THR A 42 2.99 -11.14 0.32
C THR A 42 2.37 -10.15 -0.65
N PHE A 43 1.06 -9.93 -0.51
CA PHE A 43 0.34 -9.01 -1.38
C PHE A 43 0.69 -7.56 -1.04
N ALA A 44 0.41 -7.15 0.19
CA ALA A 44 0.70 -5.80 0.64
C ALA A 44 2.18 -5.47 0.47
N LEU A 45 3.04 -6.39 0.90
CA LEU A 45 4.48 -6.19 0.80
C LEU A 45 4.85 -5.66 -0.58
N ASP A 46 4.55 -6.44 -1.61
CA ASP A 46 4.86 -6.05 -2.98
C ASP A 46 4.42 -4.61 -3.24
N PHE A 47 3.21 -4.26 -2.81
CA PHE A 47 2.69 -2.92 -3.00
C PHE A 47 3.61 -1.88 -2.38
N SER A 48 3.99 -2.11 -1.13
CA SER A 48 4.87 -1.18 -0.41
C SER A 48 6.13 -0.90 -1.21
N ARG A 49 6.73 -1.97 -1.74
CA ARG A 49 7.95 -1.83 -2.54
C ARG A 49 7.79 -0.74 -3.60
N GLU A 50 6.63 -0.72 -4.25
CA GLU A 50 6.36 0.27 -5.28
C GLU A 50 6.17 1.65 -4.67
N LYS A 51 5.61 1.70 -3.48
CA LYS A 51 5.37 2.96 -2.79
C LYS A 51 6.69 3.69 -2.52
N LYS A 52 7.75 2.92 -2.30
CA LYS A 52 9.06 3.48 -2.03
C LYS A 52 9.69 4.02 -3.31
N LEU A 53 9.86 3.15 -4.30
CA LEU A 53 10.45 3.54 -5.58
C LEU A 53 9.75 4.77 -6.14
N LEU A 54 8.47 4.93 -5.81
CA LEU A 54 7.69 6.06 -6.28
C LEU A 54 8.03 7.32 -5.50
N GLU A 55 7.87 7.26 -4.18
CA GLU A 55 8.16 8.41 -3.32
C GLU A 55 9.65 8.77 -3.40
N CYS A 56 10.50 7.87 -2.93
CA CYS A 56 11.94 8.10 -2.95
C CYS A 56 12.31 9.28 -2.05
N LEU A 57 12.89 8.98 -0.89
CA LEU A 57 13.29 10.03 0.05
C LEU A 57 14.81 10.05 0.22
N ASP A 58 15.43 8.89 0.05
CA ASP A 58 16.88 8.77 0.18
C ASP A 58 17.43 7.66 -0.71
N TYR A 59 17.15 6.42 -0.34
CA TYR A 59 17.62 5.27 -1.11
C TYR A 59 17.01 3.98 -0.58
N LEU A 60 17.04 2.94 -1.41
CA LEU A 60 16.49 1.65 -1.03
C LEU A 60 15.03 1.78 -0.61
N LEU A 1 -0.18 18.32 2.50
CA LEU A 1 -1.59 18.43 2.12
C LEU A 1 -1.77 19.50 1.05
N LYS A 2 -0.87 20.49 1.03
CA LYS A 2 -0.93 21.56 0.06
C LYS A 2 0.45 21.86 -0.52
N GLU A 3 0.78 21.21 -1.63
CA GLU A 3 2.07 21.40 -2.28
C GLU A 3 2.02 20.97 -3.74
N ASN A 4 3.10 21.22 -4.47
CA ASN A 4 3.18 20.86 -5.88
C ASN A 4 4.33 19.88 -6.13
N ASP A 5 4.41 18.86 -5.28
CA ASP A 5 5.47 17.86 -5.42
C ASP A 5 5.33 16.78 -4.34
N HIS A 6 5.59 17.16 -3.10
CA HIS A 6 5.50 16.23 -1.98
C HIS A 6 4.03 15.91 -1.66
N ALA A 7 3.15 16.84 -2.01
CA ALA A 7 1.72 16.65 -1.75
C ALA A 7 1.15 15.53 -2.60
N ARG A 8 1.51 15.52 -3.88
CA ARG A 8 1.03 14.49 -4.80
C ARG A 8 1.76 13.17 -4.56
N PHE A 9 2.98 13.26 -4.05
CA PHE A 9 3.78 12.07 -3.77
C PHE A 9 3.28 11.35 -2.54
N LEU A 10 2.90 12.10 -1.51
CA LEU A 10 2.39 11.54 -0.27
C LEU A 10 1.01 10.93 -0.48
N GLN A 11 0.09 11.72 -1.02
CA GLN A 11 -1.26 11.26 -1.27
C GLN A 11 -1.27 10.06 -2.21
N THR A 12 -0.28 10.00 -3.09
CA THR A 12 -0.17 8.90 -4.04
C THR A 12 0.36 7.64 -3.36
N ALA A 13 1.54 7.75 -2.75
CA ALA A 13 2.15 6.61 -2.07
C ALA A 13 1.18 5.96 -1.10
N LYS A 14 0.46 6.78 -0.33
CA LYS A 14 -0.50 6.28 0.63
C LYS A 14 -1.72 5.68 -0.07
N ASN A 15 -2.23 6.40 -1.07
CA ASN A 15 -3.39 5.93 -1.83
C ASN A 15 -3.13 4.55 -2.42
N ILE A 16 -1.86 4.24 -2.64
CA ILE A 16 -1.48 2.95 -3.21
C ILE A 16 -1.70 1.82 -2.20
N THR A 17 -1.14 1.99 -1.00
CA THR A 17 -1.27 0.99 0.05
C THR A 17 -2.66 1.02 0.67
N GLU A 18 -3.33 2.17 0.56
CA GLU A 18 -4.67 2.33 1.11
C GLU A 18 -5.71 1.72 0.18
N ARG A 19 -5.51 1.88 -1.12
CA ARG A 19 -6.43 1.34 -2.12
C ARG A 19 -6.36 -0.18 -2.16
N VAL A 20 -5.13 -0.70 -2.19
CA VAL A 20 -4.92 -2.14 -2.23
C VAL A 20 -5.63 -2.84 -1.08
N SER A 21 -5.50 -2.28 0.11
CA SER A 21 -6.13 -2.85 1.30
C SER A 21 -7.64 -2.94 1.12
N MET A 22 -8.26 -1.80 0.83
CA MET A 22 -9.71 -1.75 0.64
C MET A 22 -10.14 -2.68 -0.49
N ALA A 23 -9.26 -2.86 -1.46
CA ALA A 23 -9.55 -3.73 -2.60
C ALA A 23 -9.62 -5.19 -2.17
N THR A 24 -8.56 -5.66 -1.51
CA THR A 24 -8.51 -7.04 -1.05
C THR A 24 -9.72 -7.39 -0.20
N ALA A 25 -10.11 -6.47 0.66
CA ALA A 25 -11.27 -6.68 1.54
C ALA A 25 -12.56 -6.76 0.73
N SER A 26 -12.80 -5.73 -0.08
CA SER A 26 -14.00 -5.68 -0.91
C SER A 26 -14.00 -6.80 -1.94
N SER A 27 -12.84 -7.43 -2.12
CA SER A 27 -12.70 -8.51 -3.09
C SER A 27 -12.79 -9.87 -2.39
N GLN A 28 -12.53 -9.88 -1.09
CA GLN A 28 -12.58 -11.11 -0.31
C GLN A 28 -13.21 -10.87 1.06
N VAL A 29 -12.42 -10.30 1.97
CA VAL A 29 -12.90 -10.01 3.32
C VAL A 29 -11.81 -9.36 4.16
N LEU A 30 -10.57 -9.74 3.91
CA LEU A 30 -9.44 -9.20 4.65
C LEU A 30 -9.49 -9.60 6.12
N ILE A 31 -9.30 -10.89 6.37
CA ILE A 31 -9.33 -11.41 7.72
C ILE A 31 -8.44 -12.65 7.86
N PRO A 32 -7.94 -12.89 9.07
CA PRO A 32 -7.08 -14.05 9.37
C PRO A 32 -7.85 -15.36 9.31
N GLU A 33 -7.21 -16.39 8.77
CA GLU A 33 -7.82 -17.71 8.66
C GLU A 33 -6.78 -18.81 8.81
N ILE A 34 -5.97 -19.01 7.76
CA ILE A 34 -4.93 -20.03 7.78
C ILE A 34 -3.74 -19.62 6.92
N ASN A 35 -3.93 -19.67 5.60
CA ASN A 35 -2.87 -19.30 4.67
C ASN A 35 -3.20 -17.99 3.97
N LEU A 36 -3.93 -17.12 4.65
CA LEU A 36 -4.31 -15.83 4.10
C LEU A 36 -3.32 -14.74 4.51
N ASN A 37 -2.85 -14.82 5.75
CA ASN A 37 -1.89 -13.84 6.26
C ASN A 37 -0.63 -13.80 5.39
N ASP A 38 -0.41 -14.87 4.64
CA ASP A 38 0.75 -14.95 3.76
C ASP A 38 0.49 -14.24 2.44
N THR A 39 -0.61 -14.62 1.77
CA THR A 39 -0.97 -14.02 0.50
C THR A 39 -1.11 -12.51 0.62
N PHE A 40 -1.86 -12.07 1.62
CA PHE A 40 -2.09 -10.64 1.86
C PHE A 40 -0.76 -9.92 2.12
N ASP A 41 0.11 -10.56 2.90
CA ASP A 41 1.41 -9.98 3.22
C ASP A 41 2.20 -9.68 1.96
N THR A 42 2.47 -10.72 1.18
CA THR A 42 3.23 -10.57 -0.06
C THR A 42 2.54 -9.59 -1.01
N PHE A 43 1.23 -9.43 -0.84
CA PHE A 43 0.46 -8.52 -1.68
C PHE A 43 0.70 -7.07 -1.28
N ALA A 44 0.50 -6.78 0.00
CA ALA A 44 0.71 -5.42 0.51
C ALA A 44 2.19 -5.04 0.48
N LEU A 45 3.02 -5.94 0.97
CA LEU A 45 4.46 -5.70 1.01
C LEU A 45 4.96 -5.16 -0.34
N ASP A 46 4.74 -5.93 -1.40
CA ASP A 46 5.16 -5.54 -2.73
C ASP A 46 4.69 -4.12 -3.05
N PHE A 47 3.41 -3.85 -2.83
CA PHE A 47 2.85 -2.53 -3.09
C PHE A 47 3.59 -1.46 -2.31
N SER A 48 3.60 -1.60 -0.99
CA SER A 48 4.27 -0.64 -0.12
C SER A 48 5.70 -0.41 -0.57
N ARG A 49 6.40 -1.51 -0.88
CA ARG A 49 7.79 -1.42 -1.31
C ARG A 49 7.97 -0.30 -2.34
N GLU A 50 7.06 -0.23 -3.30
CA GLU A 50 7.12 0.80 -4.33
C GLU A 50 6.61 2.13 -3.81
N LYS A 51 5.64 2.08 -2.92
CA LYS A 51 5.06 3.28 -2.33
C LYS A 51 6.11 4.05 -1.53
N LYS A 52 7.10 3.33 -1.01
CA LYS A 52 8.16 3.94 -0.22
C LYS A 52 9.18 4.63 -1.13
N LEU A 53 9.70 3.89 -2.10
CA LEU A 53 10.68 4.43 -3.03
C LEU A 53 10.16 5.71 -3.68
N LEU A 54 8.85 5.84 -3.76
CA LEU A 54 8.23 7.03 -4.35
C LEU A 54 8.39 8.24 -3.44
N GLU A 55 7.85 8.14 -2.22
CA GLU A 55 7.95 9.23 -1.26
C GLU A 55 9.39 9.49 -0.87
N CYS A 56 10.08 8.45 -0.42
CA CYS A 56 11.47 8.56 -0.02
C CYS A 56 12.40 7.91 -1.05
N LEU A 57 13.57 8.50 -1.24
CA LEU A 57 14.54 7.98 -2.19
C LEU A 57 15.60 7.14 -1.49
N ASP A 58 16.64 6.76 -2.22
CA ASP A 58 17.71 5.95 -1.67
C ASP A 58 17.20 4.59 -1.23
N TYR A 59 16.53 3.90 -2.14
CA TYR A 59 15.98 2.57 -1.85
C TYR A 59 15.09 2.62 -0.61
N LEU A 60 14.68 1.45 -0.14
CA LEU A 60 13.82 1.35 1.03
C LEU A 60 14.43 2.09 2.21
N LEU A 1 -0.78 31.02 -1.40
CA LEU A 1 0.14 29.89 -1.25
C LEU A 1 -0.62 28.57 -1.15
N LYS A 2 -0.10 27.55 -1.84
CA LYS A 2 -0.72 26.24 -1.83
C LYS A 2 0.14 25.22 -2.56
N GLU A 3 1.45 25.35 -2.40
CA GLU A 3 2.40 24.44 -3.05
C GLU A 3 2.09 22.99 -2.67
N ASN A 4 2.84 22.06 -3.27
CA ASN A 4 2.66 20.64 -2.99
C ASN A 4 3.80 19.82 -3.58
N ASP A 5 4.59 19.20 -2.71
CA ASP A 5 5.71 18.39 -3.14
C ASP A 5 5.79 17.09 -2.33
N HIS A 6 6.20 17.21 -1.07
CA HIS A 6 6.32 16.06 -0.20
C HIS A 6 4.94 15.52 0.19
N ALA A 7 3.95 16.40 0.15
CA ALA A 7 2.58 16.03 0.50
C ALA A 7 2.00 15.05 -0.52
N ARG A 8 1.99 15.45 -1.78
CA ARG A 8 1.47 14.61 -2.86
C ARG A 8 2.21 13.28 -2.91
N PHE A 9 3.54 13.34 -2.80
CA PHE A 9 4.37 12.15 -2.84
C PHE A 9 3.94 11.14 -1.76
N LEU A 10 3.75 11.65 -0.55
CA LEU A 10 3.35 10.80 0.57
C LEU A 10 1.91 10.31 0.38
N GLN A 11 1.01 11.24 0.05
CA GLN A 11 -0.39 10.91 -0.15
C GLN A 11 -0.54 9.78 -1.17
N THR A 12 0.42 9.68 -2.07
CA THR A 12 0.40 8.65 -3.10
C THR A 12 0.79 7.29 -2.52
N ALA A 13 1.99 7.22 -1.95
CA ALA A 13 2.49 5.99 -1.36
C ALA A 13 1.47 5.40 -0.39
N LYS A 14 0.77 6.26 0.33
CA LYS A 14 -0.24 5.82 1.28
C LYS A 14 -1.52 5.40 0.58
N ASN A 15 -1.96 6.22 -0.37
CA ASN A 15 -3.18 5.92 -1.12
C ASN A 15 -3.07 4.57 -1.83
N ILE A 16 -1.83 4.12 -2.04
CA ILE A 16 -1.59 2.85 -2.71
C ILE A 16 -1.83 1.68 -1.75
N THR A 17 -1.11 1.68 -0.63
CA THR A 17 -1.25 0.62 0.36
C THR A 17 -2.57 0.73 1.10
N GLU A 18 -3.20 1.89 1.01
CA GLU A 18 -4.48 2.12 1.67
C GLU A 18 -5.64 1.60 0.82
N ARG A 19 -5.53 1.79 -0.49
CA ARG A 19 -6.57 1.33 -1.41
C ARG A 19 -6.59 -0.19 -1.50
N VAL A 20 -5.42 -0.80 -1.36
CA VAL A 20 -5.31 -2.26 -1.42
C VAL A 20 -5.83 -2.90 -0.14
N SER A 21 -5.61 -2.24 0.99
CA SER A 21 -6.05 -2.75 2.27
C SER A 21 -7.58 -2.77 2.36
N MET A 22 -8.21 -1.86 1.63
CA MET A 22 -9.67 -1.78 1.63
C MET A 22 -10.25 -2.56 0.46
N ALA A 23 -9.61 -2.43 -0.71
CA ALA A 23 -10.07 -3.14 -1.90
C ALA A 23 -10.07 -4.65 -1.68
N THR A 24 -9.07 -5.14 -0.97
CA THR A 24 -8.96 -6.57 -0.68
C THR A 24 -9.81 -6.96 0.52
N ALA A 25 -9.93 -6.04 1.47
CA ALA A 25 -10.72 -6.29 2.68
C ALA A 25 -12.21 -6.05 2.41
N SER A 26 -12.53 -5.61 1.20
CA SER A 26 -13.91 -5.34 0.82
C SER A 26 -14.34 -6.19 -0.36
N SER A 27 -13.36 -6.86 -0.98
CA SER A 27 -13.63 -7.72 -2.13
C SER A 27 -13.71 -9.18 -1.71
N GLN A 28 -13.06 -9.51 -0.60
CA GLN A 28 -13.06 -10.87 -0.10
C GLN A 28 -13.68 -10.94 1.30
N VAL A 29 -12.88 -10.59 2.30
CA VAL A 29 -13.36 -10.61 3.69
C VAL A 29 -12.24 -10.23 4.65
N LEU A 30 -11.01 -10.55 4.28
CA LEU A 30 -9.85 -10.24 5.11
C LEU A 30 -9.84 -11.12 6.36
N ILE A 31 -9.36 -12.35 6.21
CA ILE A 31 -9.29 -13.28 7.33
C ILE A 31 -8.10 -14.23 7.18
N PRO A 32 -6.91 -13.74 7.54
CA PRO A 32 -5.68 -14.53 7.45
C PRO A 32 -5.64 -15.67 8.47
N GLU A 33 -6.22 -16.80 8.12
CA GLU A 33 -6.25 -17.96 9.01
C GLU A 33 -4.94 -18.76 8.92
N ILE A 34 -4.51 -19.03 7.70
CA ILE A 34 -3.28 -19.78 7.47
C ILE A 34 -2.83 -19.68 6.02
N ASN A 35 -3.79 -19.72 5.11
CA ASN A 35 -3.49 -19.63 3.69
C ASN A 35 -3.77 -18.23 3.15
N LEU A 36 -4.89 -17.65 3.59
CA LEU A 36 -5.28 -16.32 3.16
C LEU A 36 -4.15 -15.31 3.41
N ASN A 37 -3.54 -15.40 4.59
CA ASN A 37 -2.46 -14.51 4.95
C ASN A 37 -1.37 -14.51 3.88
N ASP A 38 -0.96 -15.69 3.46
CA ASP A 38 0.07 -15.83 2.43
C ASP A 38 -0.32 -15.07 1.18
N THR A 39 -1.62 -14.95 0.94
CA THR A 39 -2.11 -14.25 -0.24
C THR A 39 -2.08 -12.73 -0.03
N PHE A 40 -2.71 -12.29 1.05
CA PHE A 40 -2.75 -10.86 1.36
C PHE A 40 -1.34 -10.29 1.52
N ASP A 41 -0.47 -11.05 2.17
CA ASP A 41 0.91 -10.63 2.39
C ASP A 41 1.60 -10.35 1.06
N THR A 42 1.71 -11.37 0.23
CA THR A 42 2.36 -11.24 -1.07
C THR A 42 1.72 -10.13 -1.90
N PHE A 43 0.45 -9.84 -1.60
CA PHE A 43 -0.28 -8.80 -2.31
C PHE A 43 0.15 -7.42 -1.85
N ALA A 44 0.17 -7.22 -0.53
CA ALA A 44 0.57 -5.95 0.05
C ALA A 44 2.06 -5.68 -0.18
N LEU A 45 2.88 -6.69 0.10
CA LEU A 45 4.32 -6.55 -0.08
C LEU A 45 4.65 -5.95 -1.44
N ASP A 46 4.26 -6.65 -2.49
CA ASP A 46 4.51 -6.19 -3.86
C ASP A 46 4.12 -4.72 -4.02
N PHE A 47 2.92 -4.39 -3.53
CA PHE A 47 2.42 -3.02 -3.62
C PHE A 47 3.41 -2.03 -2.99
N SER A 48 3.80 -2.32 -1.74
CA SER A 48 4.73 -1.47 -1.02
C SER A 48 5.98 -1.21 -1.85
N ARG A 49 6.52 -2.26 -2.43
CA ARG A 49 7.73 -2.15 -3.25
C ARG A 49 7.62 -0.98 -4.22
N GLU A 50 6.45 -0.83 -4.83
CA GLU A 50 6.21 0.25 -5.78
C GLU A 50 5.93 1.56 -5.06
N LYS A 51 5.32 1.46 -3.87
CA LYS A 51 4.99 2.63 -3.08
C LYS A 51 6.25 3.42 -2.72
N LYS A 52 7.38 2.71 -2.61
CA LYS A 52 8.65 3.34 -2.28
C LYS A 52 9.29 3.95 -3.52
N LEU A 53 9.45 3.14 -4.55
CA LEU A 53 10.06 3.61 -5.80
C LEU A 53 9.38 4.87 -6.30
N LEU A 54 8.11 5.03 -5.95
CA LEU A 54 7.33 6.20 -6.36
C LEU A 54 7.74 7.43 -5.57
N GLU A 55 7.61 7.35 -4.25
CA GLU A 55 7.96 8.46 -3.37
C GLU A 55 9.47 8.71 -3.40
N CYS A 56 10.21 7.79 -4.02
CA CYS A 56 11.66 7.90 -4.12
C CYS A 56 12.28 8.11 -2.74
N LEU A 57 12.60 7.02 -2.07
CA LEU A 57 13.20 7.08 -0.74
C LEU A 57 14.15 5.91 -0.51
N ASP A 58 15.09 6.08 0.41
CA ASP A 58 16.06 5.03 0.72
C ASP A 58 15.48 4.04 1.73
N TYR A 59 16.03 2.85 1.78
CA TYR A 59 15.57 1.82 2.70
C TYR A 59 16.53 0.62 2.70
N LEU A 60 16.33 -0.28 3.65
CA LEU A 60 17.16 -1.47 3.77
C LEU A 60 16.31 -2.72 4.01
N LEU A 1 -2.19 18.87 1.83
CA LEU A 1 -1.68 19.72 0.76
C LEU A 1 -1.05 20.99 1.34
N LYS A 2 0.03 21.44 0.70
CA LYS A 2 0.73 22.64 1.15
C LYS A 2 1.54 23.25 0.01
N GLU A 3 0.97 23.25 -1.19
CA GLU A 3 1.65 23.80 -2.36
C GLU A 3 3.04 23.20 -2.52
N ASN A 4 3.12 22.08 -3.23
CA ASN A 4 4.39 21.41 -3.45
C ASN A 4 4.20 20.16 -4.33
N ASP A 5 5.25 19.36 -4.43
CA ASP A 5 5.20 18.14 -5.23
C ASP A 5 5.51 16.92 -4.37
N HIS A 6 5.88 17.15 -3.11
CA HIS A 6 6.21 16.07 -2.20
C HIS A 6 4.94 15.45 -1.63
N ALA A 7 4.09 16.29 -1.04
CA ALA A 7 2.84 15.83 -0.45
C ALA A 7 2.01 15.04 -1.46
N ARG A 8 1.89 15.59 -2.67
CA ARG A 8 1.12 14.95 -3.73
C ARG A 8 1.67 13.55 -4.03
N PHE A 9 2.98 13.48 -4.22
CA PHE A 9 3.62 12.20 -4.52
C PHE A 9 3.37 11.19 -3.40
N LEU A 10 3.37 11.67 -2.17
CA LEU A 10 3.15 10.81 -1.01
C LEU A 10 1.72 10.29 -0.99
N GLN A 11 0.76 11.18 -1.25
CA GLN A 11 -0.64 10.81 -1.26
C GLN A 11 -0.90 9.67 -2.25
N THR A 12 -0.08 9.61 -3.30
CA THR A 12 -0.22 8.58 -4.31
C THR A 12 0.32 7.24 -3.81
N ALA A 13 1.58 7.22 -3.41
CA ALA A 13 2.21 6.00 -2.91
C ALA A 13 1.35 5.36 -1.84
N LYS A 14 0.85 6.17 -0.91
CA LYS A 14 0.01 5.67 0.17
C LYS A 14 -1.34 5.21 -0.35
N ASN A 15 -1.96 6.02 -1.21
CA ASN A 15 -3.25 5.70 -1.79
C ASN A 15 -3.20 4.35 -2.50
N ILE A 16 -2.02 3.97 -2.97
CA ILE A 16 -1.85 2.70 -3.66
C ILE A 16 -1.99 1.52 -2.71
N THR A 17 -1.24 1.57 -1.60
CA THR A 17 -1.29 0.50 -0.61
C THR A 17 -2.52 0.64 0.28
N GLU A 18 -3.14 1.81 0.24
CA GLU A 18 -4.33 2.07 1.05
C GLU A 18 -5.59 1.61 0.32
N ARG A 19 -5.62 1.81 -0.98
CA ARG A 19 -6.76 1.41 -1.80
C ARG A 19 -6.85 -0.10 -1.93
N VAL A 20 -5.68 -0.75 -1.98
CA VAL A 20 -5.61 -2.21 -2.10
C VAL A 20 -6.08 -2.89 -0.82
N SER A 21 -5.61 -2.38 0.32
CA SER A 21 -5.97 -2.96 1.61
C SER A 21 -7.49 -2.93 1.80
N MET A 22 -8.09 -1.77 1.59
CA MET A 22 -9.53 -1.60 1.73
C MET A 22 -10.28 -2.61 0.87
N ALA A 23 -9.80 -2.81 -0.35
CA ALA A 23 -10.43 -3.75 -1.27
C ALA A 23 -10.31 -5.18 -0.75
N THR A 24 -9.27 -5.44 0.02
CA THR A 24 -9.03 -6.77 0.57
C THR A 24 -9.87 -7.00 1.83
N ALA A 25 -10.11 -5.93 2.57
CA ALA A 25 -10.89 -6.00 3.80
C ALA A 25 -12.39 -5.97 3.49
N SER A 26 -12.81 -4.97 2.75
CA SER A 26 -14.22 -4.83 2.39
C SER A 26 -14.72 -6.07 1.65
N SER A 27 -13.89 -6.59 0.75
CA SER A 27 -14.25 -7.77 -0.01
C SER A 27 -14.49 -8.97 0.90
N GLN A 28 -13.51 -9.26 1.75
CA GLN A 28 -13.62 -10.38 2.68
C GLN A 28 -13.71 -9.88 4.13
N VAL A 29 -12.58 -9.48 4.68
CA VAL A 29 -12.53 -8.98 6.06
C VAL A 29 -11.10 -8.66 6.47
N LEU A 30 -10.15 -9.36 5.88
CA LEU A 30 -8.73 -9.14 6.18
C LEU A 30 -8.39 -9.69 7.56
N ILE A 31 -8.20 -11.01 7.64
CA ILE A 31 -7.86 -11.66 8.90
C ILE A 31 -7.08 -12.94 8.66
N PRO A 32 -6.27 -13.33 9.66
CA PRO A 32 -5.44 -14.54 9.59
C PRO A 32 -6.28 -15.82 9.62
N GLU A 33 -6.23 -16.58 8.54
CA GLU A 33 -6.98 -17.83 8.44
C GLU A 33 -6.04 -19.03 8.33
N ILE A 34 -5.48 -19.22 7.13
CA ILE A 34 -4.57 -20.33 6.89
C ILE A 34 -3.56 -19.96 5.81
N ASN A 35 -4.01 -19.93 4.56
CA ASN A 35 -3.14 -19.60 3.43
C ASN A 35 -3.45 -18.20 2.90
N LEU A 36 -4.55 -17.63 3.37
CA LEU A 36 -4.96 -16.29 2.95
C LEU A 36 -3.80 -15.31 3.07
N ASN A 37 -3.02 -15.46 4.14
CA ASN A 37 -1.88 -14.58 4.37
C ASN A 37 -0.92 -14.59 3.19
N ASP A 38 -0.53 -15.80 2.76
CA ASP A 38 0.38 -15.95 1.63
C ASP A 38 -0.16 -15.24 0.40
N THR A 39 -1.48 -15.14 0.29
CA THR A 39 -2.11 -14.49 -0.84
C THR A 39 -2.09 -12.98 -0.68
N PHE A 40 -2.60 -12.50 0.44
CA PHE A 40 -2.63 -11.07 0.71
C PHE A 40 -1.22 -10.47 0.70
N ASP A 41 -0.28 -11.20 1.27
CA ASP A 41 1.10 -10.75 1.32
C ASP A 41 1.64 -10.49 -0.08
N THR A 42 1.70 -11.54 -0.89
CA THR A 42 2.20 -11.42 -2.25
C THR A 42 1.45 -10.34 -3.02
N PHE A 43 0.20 -10.10 -2.64
CA PHE A 43 -0.62 -9.09 -3.29
C PHE A 43 -0.18 -7.68 -2.89
N ALA A 44 -0.24 -7.40 -1.59
CA ALA A 44 0.16 -6.10 -1.07
C ALA A 44 1.60 -5.76 -1.46
N LEU A 45 2.49 -6.73 -1.27
CA LEU A 45 3.90 -6.54 -1.60
C LEU A 45 4.05 -5.89 -2.98
N ASP A 46 3.57 -6.58 -4.01
CA ASP A 46 3.65 -6.07 -5.37
C ASP A 46 3.19 -4.62 -5.43
N PHE A 47 2.02 -4.34 -4.86
CA PHE A 47 1.47 -2.99 -4.85
C PHE A 47 2.44 -2.01 -4.20
N SER A 48 2.73 -2.25 -2.92
CA SER A 48 3.64 -1.39 -2.18
C SER A 48 4.96 -1.22 -2.91
N ARG A 49 5.30 -2.21 -3.73
CA ARG A 49 6.55 -2.18 -4.49
C ARG A 49 6.62 -0.94 -5.37
N GLU A 50 5.58 -0.72 -6.17
CA GLU A 50 5.52 0.43 -7.06
C GLU A 50 5.46 1.73 -6.26
N LYS A 51 4.80 1.68 -5.11
CA LYS A 51 4.67 2.85 -4.25
C LYS A 51 6.03 3.35 -3.79
N LYS A 52 6.87 2.43 -3.32
CA LYS A 52 8.21 2.76 -2.85
C LYS A 52 9.01 3.46 -3.96
N LEU A 53 9.07 2.82 -5.12
CA LEU A 53 9.81 3.37 -6.25
C LEU A 53 9.35 4.79 -6.56
N LEU A 54 8.09 5.08 -6.24
CA LEU A 54 7.54 6.41 -6.47
C LEU A 54 8.01 7.40 -5.42
N GLU A 55 7.90 7.01 -4.14
CA GLU A 55 8.31 7.86 -3.04
C GLU A 55 9.82 8.14 -3.11
N CYS A 56 10.60 7.10 -3.39
CA CYS A 56 12.05 7.23 -3.47
C CYS A 56 12.63 7.66 -2.13
N LEU A 57 13.94 7.49 -1.99
CA LEU A 57 14.63 7.87 -0.76
C LEU A 57 14.11 7.05 0.42
N ASP A 58 14.86 7.06 1.52
CA ASP A 58 14.48 6.32 2.72
C ASP A 58 15.40 6.66 3.88
N TYR A 59 15.26 5.92 4.97
CA TYR A 59 16.08 6.15 6.17
C TYR A 59 16.53 4.82 6.77
N LEU A 60 17.73 4.82 7.33
CA LEU A 60 18.28 3.61 7.95
C LEU A 60 18.42 2.49 6.93
N LEU A 1 -3.55 21.75 -0.21
CA LEU A 1 -2.94 20.57 -0.82
C LEU A 1 -3.01 20.64 -2.33
N LYS A 2 -2.53 21.75 -2.90
CA LYS A 2 -2.54 21.95 -4.34
C LYS A 2 -1.18 22.46 -4.82
N GLU A 3 -0.65 21.82 -5.85
CA GLU A 3 0.64 22.22 -6.40
C GLU A 3 1.73 22.19 -5.34
N ASN A 4 2.30 21.00 -5.11
CA ASN A 4 3.35 20.83 -4.12
C ASN A 4 4.29 19.69 -4.50
N ASP A 5 5.20 19.35 -3.60
CA ASP A 5 6.15 18.28 -3.85
C ASP A 5 5.96 17.14 -2.85
N HIS A 6 6.29 17.40 -1.59
CA HIS A 6 6.14 16.39 -0.55
C HIS A 6 4.66 16.05 -0.32
N ALA A 7 3.79 16.99 -0.64
CA ALA A 7 2.35 16.79 -0.47
C ALA A 7 1.84 15.72 -1.43
N ARG A 8 2.25 15.82 -2.69
CA ARG A 8 1.83 14.86 -3.70
C ARG A 8 2.55 13.52 -3.53
N PHE A 9 3.77 13.58 -3.00
CA PHE A 9 4.57 12.38 -2.79
C PHE A 9 4.00 11.55 -1.65
N LEU A 10 3.55 12.23 -0.59
CA LEU A 10 2.99 11.55 0.57
C LEU A 10 1.58 11.03 0.27
N GLN A 11 0.74 11.92 -0.25
CA GLN A 11 -0.64 11.54 -0.58
C GLN A 11 -0.67 10.32 -1.48
N THR A 12 0.39 10.14 -2.28
CA THR A 12 0.47 9.00 -3.18
C THR A 12 0.86 7.73 -2.43
N ALA A 13 1.98 7.78 -1.71
CA ALA A 13 2.44 6.63 -0.95
C ALA A 13 1.33 6.07 -0.07
N LYS A 14 0.62 6.96 0.61
CA LYS A 14 -0.47 6.56 1.49
C LYS A 14 -1.65 6.03 0.68
N ASN A 15 -2.03 6.76 -0.37
CA ASN A 15 -3.13 6.36 -1.23
C ASN A 15 -2.90 4.98 -1.82
N ILE A 16 -1.63 4.58 -1.87
CA ILE A 16 -1.28 3.27 -2.41
C ILE A 16 -1.63 2.15 -1.45
N THR A 17 -1.17 2.28 -0.21
CA THR A 17 -1.44 1.27 0.81
C THR A 17 -2.86 1.41 1.36
N GLU A 18 -3.43 2.60 1.19
CA GLU A 18 -4.79 2.86 1.67
C GLU A 18 -5.83 2.28 0.72
N ARG A 19 -5.56 2.37 -0.59
CA ARG A 19 -6.47 1.84 -1.60
C ARG A 19 -6.49 0.32 -1.57
N VAL A 20 -5.31 -0.29 -1.54
CA VAL A 20 -5.19 -1.74 -1.51
C VAL A 20 -6.00 -2.34 -0.36
N SER A 21 -5.89 -1.72 0.82
CA SER A 21 -6.61 -2.20 1.99
C SER A 21 -8.11 -2.02 1.82
N MET A 22 -8.50 -0.92 1.16
CA MET A 22 -9.91 -0.63 0.93
C MET A 22 -10.58 -1.77 0.16
N ALA A 23 -9.87 -2.29 -0.84
CA ALA A 23 -10.39 -3.38 -1.65
C ALA A 23 -10.49 -4.67 -0.85
N THR A 24 -9.36 -5.07 -0.26
CA THR A 24 -9.31 -6.29 0.55
C THR A 24 -10.37 -6.28 1.63
N ALA A 25 -10.48 -5.15 2.33
CA ALA A 25 -11.46 -5.01 3.40
C ALA A 25 -12.88 -5.06 2.85
N SER A 26 -13.02 -4.78 1.57
CA SER A 26 -14.33 -4.78 0.93
C SER A 26 -14.58 -6.10 0.20
N SER A 27 -13.55 -6.94 0.15
CA SER A 27 -13.65 -8.23 -0.51
C SER A 27 -13.60 -9.37 0.51
N GLN A 28 -13.40 -9.01 1.77
CA GLN A 28 -13.34 -10.01 2.85
C GLN A 28 -12.14 -10.92 2.66
N VAL A 29 -10.95 -10.34 2.62
CA VAL A 29 -9.73 -11.10 2.45
C VAL A 29 -8.71 -10.77 3.53
N LEU A 30 -9.20 -10.59 4.75
CA LEU A 30 -8.34 -10.27 5.89
C LEU A 30 -8.60 -11.20 7.07
N ILE A 31 -8.88 -12.46 6.76
CA ILE A 31 -9.15 -13.46 7.80
C ILE A 31 -8.57 -14.82 7.42
N PRO A 32 -8.25 -15.62 8.44
CA PRO A 32 -7.69 -16.96 8.24
C PRO A 32 -8.71 -17.94 7.67
N GLU A 33 -8.21 -18.99 7.02
CA GLU A 33 -9.08 -20.00 6.43
C GLU A 33 -8.26 -21.16 5.87
N ILE A 34 -7.08 -20.85 5.35
CA ILE A 34 -6.20 -21.87 4.79
C ILE A 34 -4.83 -21.29 4.45
N ASN A 35 -4.82 -20.04 3.98
CA ASN A 35 -3.58 -19.37 3.62
C ASN A 35 -3.85 -17.96 3.14
N LEU A 36 -4.86 -17.32 3.71
CA LEU A 36 -5.22 -15.95 3.33
C LEU A 36 -4.17 -14.96 3.82
N ASN A 37 -3.65 -15.20 5.02
CA ASN A 37 -2.64 -14.32 5.61
C ASN A 37 -1.42 -14.21 4.69
N ASP A 38 -0.92 -15.37 4.25
CA ASP A 38 0.24 -15.40 3.37
C ASP A 38 -0.02 -14.59 2.10
N THR A 39 -1.28 -14.53 1.69
CA THR A 39 -1.65 -13.80 0.48
C THR A 39 -1.76 -12.30 0.77
N PHE A 40 -2.53 -11.95 1.80
CA PHE A 40 -2.72 -10.56 2.18
C PHE A 40 -1.38 -9.90 2.50
N ASP A 41 -0.55 -10.61 3.26
CA ASP A 41 0.77 -10.09 3.64
C ASP A 41 1.59 -9.74 2.42
N THR A 42 1.86 -10.74 1.58
CA THR A 42 2.64 -10.54 0.36
C THR A 42 2.01 -9.49 -0.53
N PHE A 43 0.71 -9.28 -0.35
CA PHE A 43 -0.02 -8.29 -1.15
C PHE A 43 0.31 -6.87 -0.69
N ALA A 44 0.18 -6.62 0.60
CA ALA A 44 0.46 -5.30 1.15
C ALA A 44 1.95 -5.00 1.11
N LEU A 45 2.76 -5.96 1.54
CA LEU A 45 4.21 -5.79 1.54
C LEU A 45 4.70 -5.23 0.21
N ASP A 46 4.42 -5.96 -0.87
CA ASP A 46 4.82 -5.53 -2.20
C ASP A 46 4.44 -4.09 -2.45
N PHE A 47 3.19 -3.75 -2.15
CA PHE A 47 2.69 -2.39 -2.33
C PHE A 47 3.54 -1.39 -1.58
N SER A 48 3.74 -1.62 -0.29
CA SER A 48 4.54 -0.74 0.54
C SER A 48 5.90 -0.49 -0.08
N ARG A 49 6.52 -1.55 -0.57
CA ARG A 49 7.84 -1.46 -1.19
C ARG A 49 7.88 -0.31 -2.20
N GLU A 50 6.82 -0.19 -3.01
CA GLU A 50 6.74 0.86 -4.01
C GLU A 50 6.30 2.17 -3.38
N LYS A 51 5.66 2.09 -2.23
CA LYS A 51 5.19 3.27 -1.52
C LYS A 51 6.33 3.98 -0.80
N LYS A 52 7.36 3.20 -0.45
CA LYS A 52 8.52 3.75 0.24
C LYS A 52 9.45 4.46 -0.74
N LEU A 53 9.74 3.79 -1.85
CA LEU A 53 10.62 4.35 -2.88
C LEU A 53 9.97 5.54 -3.56
N LEU A 54 8.66 5.62 -3.46
CA LEU A 54 7.91 6.72 -4.08
C LEU A 54 7.82 7.92 -3.13
N GLU A 55 7.92 7.65 -1.83
CA GLU A 55 7.87 8.70 -0.82
C GLU A 55 9.07 9.62 -0.94
N CYS A 56 10.26 9.05 -0.89
CA CYS A 56 11.49 9.83 -0.98
C CYS A 56 12.45 9.20 -1.98
N LEU A 57 13.06 8.09 -1.59
CA LEU A 57 14.02 7.39 -2.45
C LEU A 57 14.25 5.97 -1.97
N ASP A 58 14.91 5.84 -0.82
CA ASP A 58 15.18 4.52 -0.24
C ASP A 58 15.89 3.63 -1.26
N TYR A 59 17.21 3.73 -1.31
CA TYR A 59 18.00 2.92 -2.23
C TYR A 59 17.67 1.44 -2.10
N LEU A 60 17.67 0.95 -0.87
CA LEU A 60 17.37 -0.46 -0.60
C LEU A 60 17.14 -0.69 0.89
N LEU A 1 -0.09 18.91 4.65
CA LEU A 1 0.78 19.87 3.96
C LEU A 1 0.28 20.12 2.53
N LYS A 2 0.52 21.33 2.03
CA LYS A 2 0.11 21.68 0.68
C LYS A 2 1.32 22.07 -0.17
N GLU A 3 1.34 21.59 -1.41
CA GLU A 3 2.43 21.88 -2.32
C GLU A 3 2.15 21.31 -3.71
N ASN A 4 3.06 21.57 -4.65
CA ASN A 4 2.92 21.09 -6.01
C ASN A 4 4.00 20.06 -6.34
N ASP A 5 4.37 19.26 -5.35
CA ASP A 5 5.39 18.22 -5.53
C ASP A 5 5.28 17.16 -4.46
N HIS A 6 5.71 17.49 -3.25
CA HIS A 6 5.66 16.56 -2.13
C HIS A 6 4.23 16.11 -1.85
N ALA A 7 3.29 17.04 -2.01
CA ALA A 7 1.88 16.73 -1.78
C ALA A 7 1.43 15.55 -2.63
N ARG A 8 1.66 15.64 -3.93
CA ARG A 8 1.27 14.59 -4.86
C ARG A 8 1.94 13.26 -4.48
N PHE A 9 3.24 13.32 -4.22
CA PHE A 9 4.01 12.13 -3.85
C PHE A 9 3.42 11.48 -2.60
N LEU A 10 3.01 12.31 -1.63
CA LEU A 10 2.44 11.81 -0.39
C LEU A 10 1.05 11.25 -0.63
N GLN A 11 0.17 12.07 -1.18
CA GLN A 11 -1.21 11.66 -1.45
C GLN A 11 -1.23 10.42 -2.36
N THR A 12 -0.21 10.29 -3.20
CA THR A 12 -0.11 9.16 -4.12
C THR A 12 0.33 7.90 -3.38
N ALA A 13 1.49 7.98 -2.73
CA ALA A 13 2.01 6.84 -1.98
C ALA A 13 0.97 6.27 -1.03
N LYS A 14 0.18 7.15 -0.45
CA LYS A 14 -0.87 6.74 0.48
C LYS A 14 -2.05 6.12 -0.25
N ASN A 15 -2.49 6.77 -1.32
CA ASN A 15 -3.60 6.28 -2.11
C ASN A 15 -3.33 4.87 -2.63
N ILE A 16 -2.05 4.53 -2.76
CA ILE A 16 -1.65 3.22 -3.25
C ILE A 16 -1.92 2.15 -2.19
N THR A 17 -1.37 2.35 -0.99
CA THR A 17 -1.54 1.40 0.10
C THR A 17 -2.97 1.46 0.66
N GLU A 18 -3.65 2.57 0.38
CA GLU A 18 -5.02 2.75 0.85
C GLU A 18 -6.01 2.04 -0.06
N ARG A 19 -5.68 1.95 -1.35
CA ARG A 19 -6.55 1.31 -2.32
C ARG A 19 -6.42 -0.21 -2.23
N VAL A 20 -5.23 -0.69 -1.90
CA VAL A 20 -4.99 -2.12 -1.78
C VAL A 20 -5.69 -2.70 -0.56
N SER A 21 -5.71 -1.93 0.53
CA SER A 21 -6.35 -2.36 1.76
C SER A 21 -7.86 -2.43 1.59
N MET A 22 -8.45 -1.34 1.11
CA MET A 22 -9.90 -1.28 0.89
C MET A 22 -10.36 -2.43 0.00
N ALA A 23 -9.60 -2.71 -1.05
CA ALA A 23 -9.93 -3.78 -1.97
C ALA A 23 -10.06 -5.12 -1.25
N THR A 24 -9.06 -5.44 -0.44
CA THR A 24 -9.05 -6.69 0.32
C THR A 24 -10.32 -6.83 1.16
N ALA A 25 -10.67 -5.76 1.85
CA ALA A 25 -11.87 -5.76 2.69
C ALA A 25 -13.13 -5.88 1.85
N SER A 26 -12.98 -5.68 0.53
CA SER A 26 -14.12 -5.75 -0.38
C SER A 26 -14.22 -7.15 -1.01
N SER A 27 -13.08 -7.65 -1.49
CA SER A 27 -13.04 -8.97 -2.11
C SER A 27 -13.45 -10.06 -1.12
N GLN A 28 -13.44 -9.72 0.16
CA GLN A 28 -13.81 -10.67 1.21
C GLN A 28 -12.77 -11.77 1.35
N VAL A 29 -11.55 -11.37 1.70
CA VAL A 29 -10.45 -12.31 1.87
C VAL A 29 -9.90 -12.28 3.29
N LEU A 30 -10.35 -11.29 4.06
CA LEU A 30 -9.90 -11.15 5.44
C LEU A 30 -10.60 -12.16 6.35
N ILE A 31 -10.38 -13.43 6.07
CA ILE A 31 -10.99 -14.50 6.87
C ILE A 31 -10.03 -15.67 7.04
N PRO A 32 -10.22 -16.45 8.12
CA PRO A 32 -9.38 -17.62 8.41
C PRO A 32 -9.61 -18.75 7.43
N GLU A 33 -8.57 -19.11 6.68
CA GLU A 33 -8.65 -20.18 5.70
C GLU A 33 -7.49 -21.16 5.87
N ILE A 34 -6.28 -20.62 5.97
CA ILE A 34 -5.10 -21.45 6.13
C ILE A 34 -3.85 -20.59 6.30
N ASN A 35 -3.80 -19.48 5.58
CA ASN A 35 -2.66 -18.57 5.65
C ASN A 35 -3.04 -17.18 5.13
N LEU A 36 -4.04 -16.58 5.75
CA LEU A 36 -4.50 -15.25 5.34
C LEU A 36 -3.43 -14.20 5.65
N ASN A 37 -2.82 -14.31 6.82
CA ASN A 37 -1.79 -13.36 7.24
C ASN A 37 -0.68 -13.28 6.19
N ASP A 38 -0.19 -14.44 5.76
CA ASP A 38 0.87 -14.51 4.76
C ASP A 38 0.45 -13.79 3.49
N THR A 39 -0.69 -14.19 2.93
CA THR A 39 -1.19 -13.59 1.71
C THR A 39 -1.36 -12.08 1.86
N PHE A 40 -2.02 -11.67 2.94
CA PHE A 40 -2.26 -10.26 3.20
C PHE A 40 -0.93 -9.50 3.30
N ASP A 41 0.01 -10.08 4.04
CA ASP A 41 1.33 -9.46 4.22
C ASP A 41 2.01 -9.23 2.87
N THR A 42 2.26 -10.32 2.15
CA THR A 42 2.91 -10.23 0.84
C THR A 42 2.14 -9.31 -0.09
N PHE A 43 0.85 -9.13 0.19
CA PHE A 43 0.01 -8.28 -0.63
C PHE A 43 0.29 -6.80 -0.37
N ALA A 44 0.18 -6.40 0.89
CA ALA A 44 0.44 -5.02 1.28
C ALA A 44 1.92 -4.67 1.15
N LEU A 45 2.78 -5.54 1.67
CA LEU A 45 4.22 -5.33 1.61
C LEU A 45 4.65 -4.93 0.20
N ASP A 46 4.38 -5.79 -0.77
CA ASP A 46 4.73 -5.53 -2.16
C ASP A 46 4.30 -4.12 -2.57
N PHE A 47 3.04 -3.80 -2.35
CA PHE A 47 2.50 -2.49 -2.70
C PHE A 47 3.29 -1.38 -2.01
N SER A 48 3.35 -1.45 -0.68
CA SER A 48 4.07 -0.45 0.11
C SER A 48 5.49 -0.27 -0.43
N ARG A 49 6.16 -1.38 -0.72
CA ARG A 49 7.52 -1.33 -1.22
C ARG A 49 7.66 -0.27 -2.31
N GLU A 50 6.70 -0.22 -3.22
CA GLU A 50 6.72 0.74 -4.31
C GLU A 50 6.27 2.12 -3.82
N LYS A 51 5.34 2.12 -2.87
CA LYS A 51 4.81 3.37 -2.32
C LYS A 51 5.92 4.15 -1.61
N LYS A 52 6.92 3.43 -1.10
CA LYS A 52 8.03 4.06 -0.41
C LYS A 52 9.01 4.69 -1.40
N LEU A 53 9.44 3.91 -2.38
CA LEU A 53 10.38 4.38 -3.38
C LEU A 53 9.87 5.67 -4.02
N LEU A 54 8.55 5.85 -4.03
CA LEU A 54 7.94 7.04 -4.61
C LEU A 54 8.18 8.25 -3.72
N GLU A 55 7.70 8.18 -2.48
CA GLU A 55 7.86 9.28 -1.53
C GLU A 55 9.34 9.64 -1.37
N CYS A 56 10.09 8.74 -0.77
CA CYS A 56 11.52 8.96 -0.54
C CYS A 56 12.30 8.82 -1.85
N LEU A 57 13.63 8.89 -1.74
CA LEU A 57 14.49 8.77 -2.91
C LEU A 57 15.77 8.01 -2.57
N ASP A 58 15.63 6.99 -1.74
CA ASP A 58 16.78 6.18 -1.33
C ASP A 58 16.31 4.84 -0.75
N TYR A 59 16.99 3.77 -1.15
CA TYR A 59 16.65 2.43 -0.67
C TYR A 59 17.79 1.46 -0.92
N LEU A 60 18.06 1.17 -2.19
CA LEU A 60 19.13 0.26 -2.56
C LEU A 60 18.98 -1.07 -1.84
N LEU A 1 -0.86 17.55 2.85
CA LEU A 1 -1.90 18.37 2.24
C LEU A 1 -1.44 19.81 2.09
N LYS A 2 -0.16 20.00 1.80
CA LYS A 2 0.41 21.33 1.62
C LYS A 2 1.22 21.41 0.34
N GLU A 3 1.32 22.62 -0.22
CA GLU A 3 2.08 22.83 -1.45
C GLU A 3 1.48 22.03 -2.60
N ASN A 4 2.14 22.07 -3.75
CA ASN A 4 1.68 21.34 -4.93
C ASN A 4 2.76 20.41 -5.45
N ASP A 5 3.46 19.75 -4.52
CA ASP A 5 4.52 18.82 -4.89
C ASP A 5 4.55 17.63 -3.95
N HIS A 6 4.97 17.87 -2.71
CA HIS A 6 5.04 16.81 -1.70
C HIS A 6 3.65 16.24 -1.41
N ALA A 7 2.63 17.08 -1.51
CA ALA A 7 1.26 16.67 -1.27
C ALA A 7 0.79 15.70 -2.34
N ARG A 8 1.27 15.89 -3.56
CA ARG A 8 0.89 15.04 -4.68
C ARG A 8 1.61 13.69 -4.61
N PHE A 9 2.92 13.74 -4.38
CA PHE A 9 3.73 12.52 -4.29
C PHE A 9 3.20 11.61 -3.18
N LEU A 10 2.78 12.21 -2.07
CA LEU A 10 2.26 11.46 -0.94
C LEU A 10 0.92 10.81 -1.28
N GLN A 11 0.02 11.61 -1.86
CA GLN A 11 -1.30 11.11 -2.24
C GLN A 11 -1.19 9.86 -3.10
N THR A 12 -0.09 9.76 -3.84
CA THR A 12 0.14 8.62 -4.72
C THR A 12 0.57 7.39 -3.93
N ALA A 13 1.67 7.52 -3.19
CA ALA A 13 2.18 6.42 -2.37
C ALA A 13 1.09 5.87 -1.46
N LYS A 14 0.24 6.76 -0.95
CA LYS A 14 -0.85 6.35 -0.06
C LYS A 14 -1.96 5.68 -0.84
N ASN A 15 -2.36 6.28 -1.96
CA ASN A 15 -3.42 5.73 -2.79
C ASN A 15 -3.05 4.33 -3.28
N ILE A 16 -1.76 4.03 -3.29
CA ILE A 16 -1.29 2.72 -3.73
C ILE A 16 -1.60 1.64 -2.69
N THR A 17 -1.17 1.89 -1.45
CA THR A 17 -1.40 0.94 -0.37
C THR A 17 -2.84 1.03 0.14
N GLU A 18 -3.50 2.15 -0.14
CA GLU A 18 -4.87 2.36 0.28
C GLU A 18 -5.84 1.63 -0.63
N ARG A 19 -5.55 1.64 -1.93
CA ARG A 19 -6.39 0.99 -2.91
C ARG A 19 -6.32 -0.53 -2.77
N VAL A 20 -5.11 -1.05 -2.65
CA VAL A 20 -4.89 -2.48 -2.51
C VAL A 20 -5.68 -3.04 -1.33
N SER A 21 -5.62 -2.33 -0.20
CA SER A 21 -6.33 -2.76 1.00
C SER A 21 -7.82 -2.89 0.74
N MET A 22 -8.44 -1.80 0.30
CA MET A 22 -9.87 -1.79 0.00
C MET A 22 -10.21 -2.83 -1.06
N ALA A 23 -9.25 -3.10 -1.95
CA ALA A 23 -9.46 -4.08 -3.01
C ALA A 23 -9.53 -5.50 -2.45
N THR A 24 -8.59 -5.83 -1.57
CA THR A 24 -8.56 -7.15 -0.96
C THR A 24 -9.60 -7.28 0.13
N ALA A 25 -10.02 -6.15 0.70
CA ALA A 25 -11.02 -6.14 1.75
C ALA A 25 -12.42 -6.32 1.18
N SER A 26 -12.59 -6.00 -0.09
CA SER A 26 -13.88 -6.12 -0.75
C SER A 26 -13.90 -7.34 -1.68
N SER A 27 -12.73 -7.68 -2.21
CA SER A 27 -12.62 -8.82 -3.12
C SER A 27 -12.99 -10.12 -2.41
N GLN A 28 -12.40 -10.34 -1.24
CA GLN A 28 -12.67 -11.54 -0.46
C GLN A 28 -13.50 -11.21 0.77
N VAL A 29 -12.85 -10.70 1.81
CA VAL A 29 -13.53 -10.34 3.04
C VAL A 29 -12.54 -9.82 4.09
N LEU A 30 -11.33 -10.34 4.05
CA LEU A 30 -10.29 -9.94 4.99
C LEU A 30 -10.63 -10.39 6.40
N ILE A 31 -10.39 -11.66 6.69
CA ILE A 31 -10.68 -12.22 8.01
C ILE A 31 -9.75 -13.40 8.32
N PRO A 32 -9.53 -13.65 9.61
CA PRO A 32 -8.66 -14.74 10.07
C PRO A 32 -9.29 -16.11 9.82
N GLU A 33 -8.95 -16.71 8.69
CA GLU A 33 -9.47 -18.02 8.32
C GLU A 33 -8.46 -19.12 8.64
N ILE A 34 -7.42 -19.22 7.81
CA ILE A 34 -6.38 -20.23 7.99
C ILE A 34 -5.05 -19.74 7.46
N ASN A 35 -5.05 -19.22 6.24
CA ASN A 35 -3.83 -18.71 5.62
C ASN A 35 -4.12 -17.46 4.79
N LEU A 36 -4.74 -16.47 5.44
CA LEU A 36 -5.08 -15.22 4.77
C LEU A 36 -4.12 -14.11 5.20
N ASN A 37 -3.41 -14.33 6.30
CA ASN A 37 -2.47 -13.35 6.81
C ASN A 37 -1.21 -13.30 5.95
N ASP A 38 -0.62 -14.47 5.71
CA ASP A 38 0.59 -14.57 4.90
C ASP A 38 0.35 -14.01 3.50
N THR A 39 -0.70 -14.48 2.85
CA THR A 39 -1.04 -14.03 1.51
C THR A 39 -1.24 -12.52 1.46
N PHE A 40 -2.11 -12.01 2.32
CA PHE A 40 -2.38 -10.58 2.39
C PHE A 40 -1.12 -9.80 2.71
N ASP A 41 -0.30 -10.34 3.60
CA ASP A 41 0.94 -9.69 4.00
C ASP A 41 1.84 -9.47 2.79
N THR A 42 2.22 -10.55 2.12
CA THR A 42 3.07 -10.47 0.95
C THR A 42 2.46 -9.57 -0.12
N PHE A 43 1.14 -9.44 -0.09
CA PHE A 43 0.43 -8.61 -1.06
C PHE A 43 0.60 -7.14 -0.73
N ALA A 44 0.32 -6.77 0.51
CA ALA A 44 0.44 -5.40 0.96
C ALA A 44 1.89 -4.95 0.99
N LEU A 45 2.75 -5.79 1.57
CA LEU A 45 4.17 -5.47 1.67
C LEU A 45 4.72 -5.00 0.32
N ASP A 46 4.62 -5.87 -0.68
CA ASP A 46 5.10 -5.54 -2.02
C ASP A 46 4.57 -4.18 -2.47
N PHE A 47 3.25 -3.99 -2.36
CA PHE A 47 2.63 -2.75 -2.76
C PHE A 47 3.24 -1.56 -2.01
N SER A 48 3.61 -1.79 -0.76
CA SER A 48 4.20 -0.75 0.07
C SER A 48 5.69 -0.57 -0.26
N ARG A 49 6.29 -1.63 -0.79
CA ARG A 49 7.71 -1.59 -1.15
C ARG A 49 7.99 -0.47 -2.14
N GLU A 50 7.17 -0.38 -3.18
CA GLU A 50 7.33 0.65 -4.20
C GLU A 50 6.79 1.99 -3.70
N LYS A 51 5.75 1.93 -2.89
CA LYS A 51 5.13 3.13 -2.35
C LYS A 51 6.12 3.92 -1.49
N LYS A 52 7.07 3.20 -0.89
CA LYS A 52 8.08 3.83 -0.05
C LYS A 52 9.16 4.50 -0.91
N LEU A 53 9.74 3.73 -1.82
CA LEU A 53 10.78 4.24 -2.70
C LEU A 53 10.33 5.52 -3.40
N LEU A 54 9.01 5.66 -3.56
CA LEU A 54 8.44 6.83 -4.22
C LEU A 54 8.51 8.05 -3.30
N GLU A 55 7.96 7.92 -2.10
CA GLU A 55 7.95 9.00 -1.13
C GLU A 55 9.38 9.37 -0.71
N CYS A 56 10.04 8.45 -0.03
CA CYS A 56 11.40 8.67 0.43
C CYS A 56 12.37 7.69 -0.24
N LEU A 57 13.58 8.16 -0.54
CA LEU A 57 14.59 7.34 -1.17
C LEU A 57 15.37 6.52 -0.14
N ASP A 58 16.03 5.48 -0.60
CA ASP A 58 16.81 4.61 0.28
C ASP A 58 18.16 4.29 -0.34
N TYR A 59 18.14 3.64 -1.50
CA TYR A 59 19.36 3.27 -2.20
C TYR A 59 19.19 3.41 -3.71
N LEU A 60 18.31 2.59 -4.27
CA LEU A 60 18.04 2.62 -5.71
C LEU A 60 16.63 2.16 -6.01
N LEU A 1 2.29 29.09 0.77
CA LEU A 1 1.86 27.95 -0.03
C LEU A 1 1.09 26.94 0.83
N LYS A 2 0.52 25.94 0.17
CA LYS A 2 -0.24 24.90 0.87
C LYS A 2 0.34 23.52 0.58
N GLU A 3 1.65 23.46 0.40
CA GLU A 3 2.32 22.19 0.12
C GLU A 3 1.80 21.58 -1.18
N ASN A 4 2.49 21.88 -2.28
CA ASN A 4 2.09 21.36 -3.59
C ASN A 4 3.16 20.41 -4.14
N ASP A 5 3.91 19.79 -3.23
CA ASP A 5 4.95 18.85 -3.62
C ASP A 5 4.85 17.56 -2.81
N HIS A 6 4.80 17.71 -1.49
CA HIS A 6 4.71 16.55 -0.59
C HIS A 6 3.29 15.98 -0.60
N ALA A 7 2.30 16.86 -0.62
CA ALA A 7 0.91 16.44 -0.62
C ALA A 7 0.63 15.48 -1.78
N ARG A 8 1.03 15.87 -2.98
CA ARG A 8 0.82 15.04 -4.16
C ARG A 8 1.50 13.69 -4.00
N PHE A 9 2.79 13.71 -3.69
CA PHE A 9 3.56 12.48 -3.51
C PHE A 9 2.90 11.57 -2.49
N LEU A 10 2.52 12.14 -1.35
CA LEU A 10 1.87 11.38 -0.29
C LEU A 10 0.59 10.71 -0.80
N GLN A 11 -0.20 11.46 -1.56
CA GLN A 11 -1.44 10.95 -2.11
C GLN A 11 -1.20 9.67 -2.91
N THR A 12 -0.01 9.57 -3.50
CA THR A 12 0.35 8.40 -4.29
C THR A 12 0.68 7.21 -3.40
N ALA A 13 1.64 7.40 -2.50
CA ALA A 13 2.05 6.34 -1.59
C ALA A 13 0.85 5.72 -0.89
N LYS A 14 -0.05 6.58 -0.40
CA LYS A 14 -1.25 6.11 0.30
C LYS A 14 -2.21 5.45 -0.67
N ASN A 15 -2.43 6.08 -1.82
CA ASN A 15 -3.33 5.54 -2.83
C ASN A 15 -2.91 4.13 -3.24
N ILE A 16 -1.63 3.82 -3.06
CA ILE A 16 -1.09 2.51 -3.40
C ILE A 16 -1.57 1.45 -2.42
N THR A 17 -1.32 1.69 -1.14
CA THR A 17 -1.72 0.75 -0.09
C THR A 17 -3.21 0.86 0.21
N GLU A 18 -3.82 1.94 -0.28
CA GLU A 18 -5.25 2.17 -0.06
C GLU A 18 -6.08 1.45 -1.12
N ARG A 19 -5.60 1.46 -2.36
CA ARG A 19 -6.30 0.82 -3.46
C ARG A 19 -6.25 -0.70 -3.33
N VAL A 20 -5.13 -1.20 -2.80
CA VAL A 20 -4.95 -2.63 -2.62
C VAL A 20 -5.86 -3.16 -1.51
N SER A 21 -5.90 -2.45 -0.40
CA SER A 21 -6.73 -2.85 0.73
C SER A 21 -8.19 -3.01 0.32
N MET A 22 -8.73 -1.96 -0.30
CA MET A 22 -10.12 -1.98 -0.76
C MET A 22 -10.35 -3.13 -1.74
N ALA A 23 -9.40 -3.32 -2.65
CA ALA A 23 -9.51 -4.39 -3.64
C ALA A 23 -9.50 -5.76 -2.98
N THR A 24 -8.41 -6.08 -2.28
CA THR A 24 -8.28 -7.36 -1.60
C THR A 24 -9.46 -7.60 -0.66
N ALA A 25 -9.88 -6.56 0.04
CA ALA A 25 -10.99 -6.65 0.97
C ALA A 25 -12.27 -7.06 0.26
N SER A 26 -12.44 -6.57 -0.97
CA SER A 26 -13.62 -6.87 -1.76
C SER A 26 -13.35 -8.01 -2.74
N SER A 27 -12.16 -8.61 -2.62
CA SER A 27 -11.77 -9.71 -3.50
C SER A 27 -11.92 -11.05 -2.80
N GLN A 28 -11.65 -11.06 -1.49
CA GLN A 28 -11.77 -12.28 -0.71
C GLN A 28 -12.67 -12.07 0.51
N VAL A 29 -12.13 -11.41 1.53
CA VAL A 29 -12.89 -11.13 2.74
C VAL A 29 -12.05 -10.34 3.75
N LEU A 30 -10.75 -10.60 3.76
CA LEU A 30 -9.84 -9.92 4.67
C LEU A 30 -10.15 -10.28 6.12
N ILE A 31 -9.77 -11.50 6.51
CA ILE A 31 -10.00 -11.96 7.88
C ILE A 31 -8.95 -12.99 8.29
N PRO A 32 -8.72 -13.10 9.60
CA PRO A 32 -7.74 -14.04 10.16
C PRO A 32 -8.19 -15.49 10.02
N GLU A 33 -7.59 -16.21 9.07
CA GLU A 33 -7.94 -17.61 8.85
C GLU A 33 -6.76 -18.52 9.17
N ILE A 34 -5.77 -18.53 8.28
CA ILE A 34 -4.59 -19.36 8.46
C ILE A 34 -3.59 -19.16 7.33
N ASN A 35 -4.11 -19.02 6.12
CA ASN A 35 -3.26 -18.82 4.95
C ASN A 35 -3.47 -17.43 4.36
N LEU A 36 -4.68 -16.91 4.50
CA LEU A 36 -5.01 -15.59 3.98
C LEU A 36 -4.00 -14.55 4.45
N ASN A 37 -3.56 -14.69 5.70
CA ASN A 37 -2.59 -13.76 6.27
C ASN A 37 -1.32 -13.71 5.43
N ASP A 38 -0.78 -14.88 5.12
CA ASP A 38 0.44 -14.97 4.31
C ASP A 38 0.24 -14.32 2.95
N THR A 39 -0.82 -14.74 2.26
CA THR A 39 -1.13 -14.20 0.94
C THR A 39 -1.29 -12.68 0.98
N PHE A 40 -2.16 -12.21 1.86
CA PHE A 40 -2.40 -10.78 2.00
C PHE A 40 -1.12 -10.04 2.38
N ASP A 41 -0.33 -10.66 3.25
CA ASP A 41 0.92 -10.06 3.69
C ASP A 41 1.84 -9.78 2.51
N THR A 42 2.19 -10.84 1.77
CA THR A 42 3.06 -10.70 0.61
C THR A 42 2.48 -9.75 -0.41
N PHE A 43 1.16 -9.60 -0.40
CA PHE A 43 0.47 -8.71 -1.32
C PHE A 43 0.65 -7.25 -0.91
N ALA A 44 0.35 -6.96 0.35
CA ALA A 44 0.49 -5.60 0.86
C ALA A 44 1.95 -5.19 0.95
N LEU A 45 2.78 -6.06 1.50
CA LEU A 45 4.21 -5.78 1.64
C LEU A 45 4.78 -5.23 0.34
N ASP A 46 4.70 -6.03 -0.72
CA ASP A 46 5.21 -5.62 -2.03
C ASP A 46 4.72 -4.22 -2.38
N PHE A 47 3.42 -4.01 -2.26
CA PHE A 47 2.83 -2.71 -2.57
C PHE A 47 3.47 -1.60 -1.75
N SER A 48 3.59 -1.84 -0.44
CA SER A 48 4.18 -0.86 0.45
C SER A 48 5.55 -0.40 -0.06
N ARG A 49 6.35 -1.36 -0.51
CA ARG A 49 7.68 -1.06 -1.02
C ARG A 49 7.62 0.05 -2.08
N GLU A 50 6.63 -0.04 -2.97
CA GLU A 50 6.46 0.95 -4.01
C GLU A 50 5.97 2.28 -3.44
N LYS A 51 5.33 2.21 -2.27
CA LYS A 51 4.82 3.40 -1.62
C LYS A 51 5.93 4.17 -0.93
N LYS A 52 6.72 3.47 -0.13
CA LYS A 52 7.83 4.10 0.60
C LYS A 52 8.94 4.51 -0.36
N LEU A 53 9.08 3.76 -1.46
CA LEU A 53 10.10 4.05 -2.46
C LEU A 53 9.68 5.22 -3.34
N LEU A 54 8.39 5.47 -3.41
CA LEU A 54 7.86 6.57 -4.21
C LEU A 54 7.92 7.88 -3.44
N GLU A 55 7.97 7.79 -2.11
CA GLU A 55 8.04 8.97 -1.26
C GLU A 55 9.44 9.15 -0.70
N CYS A 56 9.86 8.20 0.14
CA CYS A 56 11.18 8.25 0.76
C CYS A 56 12.21 7.50 -0.08
N LEU A 57 13.48 7.77 0.17
CA LEU A 57 14.56 7.12 -0.56
C LEU A 57 15.15 5.96 0.24
N ASP A 58 15.22 4.80 -0.38
CA ASP A 58 15.76 3.61 0.27
C ASP A 58 15.93 2.46 -0.73
N TYR A 59 17.14 1.91 -0.78
CA TYR A 59 17.44 0.81 -1.69
C TYR A 59 17.07 1.19 -3.13
N LEU A 60 17.98 1.90 -3.79
CA LEU A 60 17.76 2.32 -5.17
C LEU A 60 16.42 3.04 -5.32
#